data_1HQZ
#
_entry.id   1HQZ
#
_cell.length_a   156.48
_cell.length_b   66.68
_cell.length_c   125.10
_cell.angle_alpha   90.0
_cell.angle_beta   108.26
_cell.angle_gamma   90.0
#
_symmetry.space_group_name_H-M   'C 1 2 1'
#
loop_
_entity.id
_entity.type
_entity.pdbx_description
1 polymer 'ACTIN-BINDING PROTEIN'
2 water water
#
_entity_poly.entity_id   1
_entity_poly.type   'polypeptide(L)'
_entity_poly.pdbx_seq_one_letter_code
;MALEPIDYTTHSREIDAEYLKIVRGSDPDTTWLIISPNAKKEYEPESTGSSFHDFLQLFDETKVQYGLARVSPPGSDVEK
IIIIGWCPDSAPLKTRASFAANFAAVANNLFKGYHVQVTARDEDDLDENELLMKISNAAGA
;
_entity_poly.pdbx_strand_id   1,2,3,4,5,6,7,8,9
#
# COMPACT_ATOMS: atom_id res chain seq x y z
N LEU A 3 -0.46 -12.04 -15.76
CA LEU A 3 0.68 -12.34 -16.68
C LEU A 3 0.41 -11.86 -18.11
N GLU A 4 1.06 -12.49 -19.08
CA GLU A 4 0.90 -12.11 -20.48
C GLU A 4 0.05 -13.15 -21.22
N PRO A 5 -1.28 -12.95 -21.25
CA PRO A 5 -2.21 -13.87 -21.93
C PRO A 5 -1.94 -14.01 -23.42
N ILE A 6 -2.22 -15.19 -23.96
CA ILE A 6 -1.98 -15.44 -25.37
C ILE A 6 -3.18 -14.96 -26.19
N ASP A 7 -2.90 -14.45 -27.38
CA ASP A 7 -3.97 -13.98 -28.24
C ASP A 7 -4.05 -14.85 -29.49
N TYR A 8 -5.07 -15.70 -29.54
CA TYR A 8 -5.29 -16.58 -30.68
C TYR A 8 -6.69 -16.41 -31.26
N THR A 9 -7.38 -15.34 -30.87
CA THR A 9 -8.73 -15.11 -31.37
C THR A 9 -8.77 -14.06 -32.48
N THR A 10 -7.79 -13.15 -32.47
CA THR A 10 -7.71 -12.10 -33.47
C THR A 10 -7.66 -12.73 -34.85
N HIS A 11 -6.80 -13.73 -35.00
CA HIS A 11 -6.66 -14.42 -36.28
C HIS A 11 -7.26 -15.82 -36.20
N SER A 12 -8.36 -15.93 -35.47
CA SER A 12 -9.06 -17.19 -35.30
C SER A 12 -9.48 -17.78 -36.64
N ARG A 13 -9.81 -16.91 -37.59
CA ARG A 13 -10.23 -17.32 -38.93
C ARG A 13 -9.15 -18.14 -39.61
N GLU A 14 -7.95 -17.57 -39.68
CA GLU A 14 -6.82 -18.24 -40.31
C GLU A 14 -6.44 -19.51 -39.54
N ILE A 15 -6.39 -19.38 -38.22
CA ILE A 15 -6.02 -20.52 -37.37
C ILE A 15 -7.00 -21.69 -37.47
N ASP A 16 -8.28 -21.43 -37.20
CA ASP A 16 -9.29 -22.50 -37.26
C ASP A 16 -9.36 -23.19 -38.61
N ALA A 17 -9.12 -22.45 -39.68
CA ALA A 17 -9.17 -23.01 -41.02
C ALA A 17 -8.13 -24.12 -41.18
N GLU A 18 -6.92 -23.88 -40.67
CA GLU A 18 -5.86 -24.88 -40.77
C GLU A 18 -6.13 -25.99 -39.76
N TYR A 19 -6.57 -25.58 -38.57
CA TYR A 19 -6.87 -26.53 -37.50
C TYR A 19 -7.85 -27.62 -37.98
N LEU A 20 -8.99 -27.21 -38.51
CA LEU A 20 -9.99 -28.19 -38.98
C LEU A 20 -9.44 -29.12 -40.05
N LYS A 21 -8.76 -28.56 -41.03
CA LYS A 21 -8.17 -29.34 -42.11
C LYS A 21 -7.35 -30.48 -41.52
N ILE A 22 -6.50 -30.12 -40.58
CA ILE A 22 -5.61 -31.07 -39.92
C ILE A 22 -6.29 -32.11 -39.06
N VAL A 23 -7.13 -31.71 -38.11
CA VAL A 23 -7.79 -32.67 -37.25
C VAL A 23 -8.73 -33.61 -38.00
N ARG A 24 -9.29 -33.15 -39.11
CA ARG A 24 -10.20 -33.96 -39.89
C ARG A 24 -9.48 -34.82 -40.92
N GLY A 25 -8.31 -34.35 -41.36
CA GLY A 25 -7.54 -35.08 -42.35
C GLY A 25 -8.12 -34.84 -43.74
N SER A 26 -8.85 -33.74 -43.91
CA SER A 26 -9.50 -33.41 -45.17
C SER A 26 -8.59 -32.93 -46.30
N ASP A 27 -7.29 -32.82 -46.03
CA ASP A 27 -6.35 -32.37 -47.06
C ASP A 27 -4.94 -32.91 -46.81
N PRO A 28 -4.50 -33.91 -47.61
CA PRO A 28 -3.17 -34.52 -47.49
C PRO A 28 -1.98 -33.56 -47.60
N ASP A 29 -2.19 -32.39 -48.20
CA ASP A 29 -1.11 -31.41 -48.32
C ASP A 29 -0.89 -30.67 -47.01
N THR A 30 -1.89 -30.69 -46.14
CA THR A 30 -1.78 -30.00 -44.86
C THR A 30 -2.09 -30.92 -43.70
N THR A 31 -1.05 -31.46 -43.07
CA THR A 31 -1.21 -32.36 -41.93
C THR A 31 -0.61 -31.78 -40.65
N TRP A 32 -0.01 -30.61 -40.75
CA TRP A 32 0.56 -29.97 -39.58
C TRP A 32 0.52 -28.46 -39.71
N LEU A 33 0.59 -27.80 -38.56
CA LEU A 33 0.52 -26.33 -38.48
C LEU A 33 1.33 -25.84 -37.29
N ILE A 34 1.97 -24.70 -37.46
CA ILE A 34 2.71 -24.08 -36.36
C ILE A 34 2.21 -22.65 -36.28
N ILE A 35 1.74 -22.24 -35.10
CA ILE A 35 1.29 -20.87 -34.95
C ILE A 35 2.33 -20.10 -34.13
N SER A 36 2.63 -18.89 -34.59
CA SER A 36 3.64 -18.05 -33.94
C SER A 36 3.11 -16.63 -33.78
N PRO A 37 3.66 -15.87 -32.82
CA PRO A 37 3.21 -14.49 -32.58
C PRO A 37 3.79 -13.48 -33.55
N ASN A 38 2.95 -12.59 -34.09
CA ASN A 38 3.42 -11.57 -35.02
C ASN A 38 4.00 -10.37 -34.27
N ALA A 39 4.34 -9.32 -35.02
CA ALA A 39 4.91 -8.12 -34.41
C ALA A 39 4.03 -7.56 -33.29
N LYS A 40 2.72 -7.71 -33.44
CA LYS A 40 1.79 -7.20 -32.44
C LYS A 40 1.47 -8.23 -31.36
N LYS A 41 2.30 -9.27 -31.27
CA LYS A 41 2.12 -10.34 -30.29
C LYS A 41 0.83 -11.13 -30.49
N GLU A 42 0.32 -11.12 -31.71
CA GLU A 42 -0.90 -11.85 -32.03
C GLU A 42 -0.48 -13.17 -32.70
N TYR A 43 -1.07 -14.28 -32.28
CA TYR A 43 -0.73 -15.56 -32.87
C TYR A 43 -1.49 -15.83 -34.15
N GLU A 44 -0.77 -16.28 -35.17
CA GLU A 44 -1.36 -16.62 -36.45
C GLU A 44 -0.56 -17.74 -37.09
N PRO A 45 -1.12 -18.40 -38.11
CA PRO A 45 -0.41 -19.49 -38.78
C PRO A 45 0.92 -19.00 -39.33
N GLU A 46 2.00 -19.66 -38.97
CA GLU A 46 3.29 -19.27 -39.48
C GLU A 46 3.66 -20.17 -40.64
N SER A 47 3.41 -21.46 -40.47
CA SER A 47 3.71 -22.44 -41.50
C SER A 47 2.84 -23.67 -41.37
N THR A 48 2.72 -24.38 -42.49
CA THR A 48 1.94 -25.60 -42.57
C THR A 48 2.70 -26.46 -43.57
N GLY A 49 2.44 -27.76 -43.54
CA GLY A 49 3.12 -28.65 -44.47
C GLY A 49 2.49 -30.02 -44.41
N SER A 50 2.99 -30.95 -45.23
CA SER A 50 2.42 -32.29 -45.24
C SER A 50 3.28 -33.32 -44.52
N SER A 51 4.60 -33.07 -44.45
CA SER A 51 5.56 -33.98 -43.80
C SER A 51 5.82 -33.72 -42.31
N PHE A 52 5.62 -34.75 -41.49
CA PHE A 52 5.82 -34.64 -40.05
C PHE A 52 7.30 -34.35 -39.77
N HIS A 53 8.16 -34.90 -40.62
CA HIS A 53 9.59 -34.68 -40.48
C HIS A 53 9.90 -33.18 -40.65
N ASP A 54 9.24 -32.53 -41.62
CA ASP A 54 9.45 -31.09 -41.84
C ASP A 54 8.94 -30.30 -40.63
N PHE A 55 7.78 -30.71 -40.13
CA PHE A 55 7.16 -30.08 -38.96
C PHE A 55 8.15 -29.92 -37.81
N LEU A 56 8.79 -31.00 -37.43
CA LEU A 56 9.72 -30.97 -36.31
C LEU A 56 10.91 -30.05 -36.49
N GLN A 57 11.19 -29.68 -37.73
CA GLN A 57 12.31 -28.79 -38.03
C GLN A 57 11.89 -27.36 -38.32
N LEU A 58 10.63 -27.02 -38.09
CA LEU A 58 10.20 -25.68 -38.43
C LEU A 58 9.90 -24.73 -37.29
N PHE A 59 10.34 -25.07 -36.08
CA PHE A 59 10.09 -24.20 -34.94
C PHE A 59 11.20 -23.14 -34.81
N ASP A 60 10.82 -21.96 -34.36
CA ASP A 60 11.75 -20.83 -34.21
C ASP A 60 12.33 -20.76 -32.79
N GLU A 61 13.65 -20.92 -32.66
CA GLU A 61 14.31 -20.89 -31.35
C GLU A 61 14.25 -19.57 -30.60
N THR A 62 13.64 -18.55 -31.18
CA THR A 62 13.54 -17.26 -30.50
C THR A 62 12.11 -16.91 -30.13
N LYS A 63 11.17 -17.81 -30.41
CA LYS A 63 9.76 -17.54 -30.12
C LYS A 63 9.04 -18.72 -29.50
N VAL A 64 8.01 -18.40 -28.71
CA VAL A 64 7.18 -19.41 -28.09
C VAL A 64 6.14 -19.72 -29.17
N GLN A 65 6.03 -20.97 -29.57
CA GLN A 65 5.08 -21.34 -30.60
C GLN A 65 4.32 -22.60 -30.26
N TYR A 66 3.26 -22.86 -31.01
CA TYR A 66 2.48 -24.05 -30.79
C TYR A 66 2.32 -24.75 -32.12
N GLY A 67 2.49 -26.06 -32.11
CA GLY A 67 2.36 -26.84 -33.31
C GLY A 67 1.26 -27.86 -33.16
N LEU A 68 0.68 -28.25 -34.29
CA LEU A 68 -0.42 -29.21 -34.33
C LEU A 68 -0.15 -30.12 -35.51
N ALA A 69 -0.21 -31.42 -35.29
CA ALA A 69 0.02 -32.33 -36.41
C ALA A 69 -0.79 -33.60 -36.33
N ARG A 70 -1.22 -34.06 -37.49
CA ARG A 70 -1.99 -35.29 -37.57
C ARG A 70 -1.02 -36.31 -38.12
N VAL A 71 -0.74 -37.34 -37.33
CA VAL A 71 0.23 -38.35 -37.74
C VAL A 71 -0.22 -39.78 -37.53
N SER A 72 0.28 -40.65 -38.40
CA SER A 72 0.00 -42.08 -38.32
C SER A 72 1.36 -42.76 -38.21
N PRO A 73 1.71 -43.21 -37.00
CA PRO A 73 3.01 -43.87 -36.80
C PRO A 73 3.09 -45.12 -37.66
N PRO A 74 4.29 -45.45 -38.14
CA PRO A 74 4.45 -46.66 -38.96
C PRO A 74 4.12 -47.86 -38.09
N GLY A 75 3.14 -48.65 -38.52
CA GLY A 75 2.73 -49.82 -37.74
C GLY A 75 1.22 -49.95 -37.74
N SER A 76 0.53 -48.88 -38.10
CA SER A 76 -0.94 -48.88 -38.16
C SER A 76 -1.44 -47.75 -39.07
N ASP A 77 -2.74 -47.78 -39.35
CA ASP A 77 -3.35 -46.77 -40.20
C ASP A 77 -4.09 -45.75 -39.34
N VAL A 78 -4.01 -45.92 -38.02
CA VAL A 78 -4.67 -45.00 -37.11
C VAL A 78 -3.95 -43.66 -37.17
N GLU A 79 -4.74 -42.59 -37.30
CA GLU A 79 -4.20 -41.24 -37.37
C GLU A 79 -4.47 -40.57 -36.04
N LYS A 80 -3.43 -40.00 -35.44
CA LYS A 80 -3.60 -39.32 -34.16
C LYS A 80 -3.10 -37.89 -34.20
N ILE A 81 -3.56 -37.11 -33.24
CA ILE A 81 -3.19 -35.71 -33.18
C ILE A 81 -2.21 -35.41 -32.05
N ILE A 82 -1.14 -34.68 -32.40
CA ILE A 82 -0.17 -34.29 -31.40
C ILE A 82 -0.07 -32.77 -31.38
N ILE A 83 0.06 -32.19 -30.19
CA ILE A 83 0.21 -30.75 -30.11
C ILE A 83 1.54 -30.54 -29.41
N ILE A 84 2.26 -29.53 -29.86
CA ILE A 84 3.56 -29.24 -29.28
C ILE A 84 3.64 -27.82 -28.74
N GLY A 85 4.04 -27.72 -27.48
CA GLY A 85 4.22 -26.43 -26.85
C GLY A 85 5.72 -26.16 -26.91
N TRP A 86 6.10 -25.28 -27.82
CA TRP A 86 7.49 -24.92 -28.05
C TRP A 86 7.83 -23.66 -27.23
N CYS A 87 8.72 -23.83 -26.24
CA CYS A 87 9.13 -22.73 -25.37
C CYS A 87 10.64 -22.68 -25.25
N PRO A 88 11.33 -22.15 -26.28
CA PRO A 88 12.80 -22.04 -26.32
C PRO A 88 13.36 -21.06 -25.30
N ASP A 89 14.59 -21.32 -24.86
CA ASP A 89 15.24 -20.46 -23.88
C ASP A 89 15.34 -19.01 -24.33
N SER A 90 15.61 -18.81 -25.62
CA SER A 90 15.78 -17.48 -26.21
C SER A 90 14.51 -16.65 -26.40
N ALA A 91 13.34 -17.25 -26.19
CA ALA A 91 12.09 -16.51 -26.34
C ALA A 91 12.05 -15.46 -25.23
N PRO A 92 11.34 -14.34 -25.47
CA PRO A 92 11.23 -13.27 -24.46
C PRO A 92 10.80 -13.75 -23.09
N LEU A 93 11.50 -13.27 -22.06
CA LEU A 93 11.24 -13.65 -20.67
C LEU A 93 9.77 -13.79 -20.32
N LYS A 94 9.04 -12.70 -20.45
CA LYS A 94 7.62 -12.68 -20.10
C LYS A 94 6.77 -13.72 -20.80
N THR A 95 7.10 -14.06 -22.04
CA THR A 95 6.31 -15.05 -22.77
C THR A 95 6.61 -16.47 -22.24
N ARG A 96 7.86 -16.68 -21.83
CA ARG A 96 8.25 -17.98 -21.30
C ARG A 96 7.62 -18.18 -19.92
N ALA A 97 7.43 -17.08 -19.21
CA ALA A 97 6.83 -17.13 -17.87
C ALA A 97 5.33 -17.37 -17.95
N SER A 98 4.74 -17.12 -19.11
CA SER A 98 3.30 -17.30 -19.28
C SER A 98 2.99 -18.57 -20.07
N PHE A 99 4.05 -19.25 -20.51
CA PHE A 99 3.92 -20.47 -21.30
C PHE A 99 3.04 -21.57 -20.72
N ALA A 100 3.30 -21.97 -19.48
CA ALA A 100 2.50 -23.02 -18.86
C ALA A 100 1.02 -22.67 -18.92
N ALA A 101 0.70 -21.42 -18.61
CA ALA A 101 -0.69 -20.97 -18.64
C ALA A 101 -1.24 -20.95 -20.07
N ASN A 102 -0.47 -20.38 -21.00
CA ASN A 102 -0.92 -20.30 -22.38
C ASN A 102 -1.00 -21.62 -23.13
N PHE A 103 -0.10 -22.55 -22.81
CA PHE A 103 -0.13 -23.84 -23.48
C PHE A 103 -1.40 -24.54 -23.03
N ALA A 104 -1.74 -24.41 -21.76
CA ALA A 104 -2.95 -25.03 -21.23
C ALA A 104 -4.15 -24.45 -21.99
N ALA A 105 -4.14 -23.14 -22.20
CA ALA A 105 -5.23 -22.47 -22.93
C ALA A 105 -5.37 -23.01 -24.35
N VAL A 106 -4.24 -23.13 -25.05
CA VAL A 106 -4.24 -23.64 -26.41
C VAL A 106 -4.76 -25.08 -26.45
N ALA A 107 -4.37 -25.88 -25.47
CA ALA A 107 -4.79 -27.27 -25.43
C ALA A 107 -6.26 -27.44 -25.08
N ASN A 108 -6.78 -26.55 -24.23
CA ASN A 108 -8.18 -26.64 -23.83
C ASN A 108 -9.17 -25.87 -24.70
N ASN A 109 -8.72 -24.79 -25.34
CA ASN A 109 -9.63 -23.98 -26.14
C ASN A 109 -9.39 -23.89 -27.63
N LEU A 110 -8.14 -24.06 -28.07
CA LEU A 110 -7.84 -23.93 -29.50
C LEU A 110 -7.60 -25.25 -30.23
N PHE A 111 -6.50 -25.94 -29.91
CA PHE A 111 -6.19 -27.21 -30.56
C PHE A 111 -6.80 -28.38 -29.83
N LYS A 112 -8.11 -28.34 -29.63
CA LYS A 112 -8.80 -29.42 -28.91
C LYS A 112 -8.80 -30.73 -29.70
N GLY A 113 -8.84 -31.84 -28.98
CA GLY A 113 -8.89 -33.15 -29.62
C GLY A 113 -7.55 -33.82 -29.87
N TYR A 114 -6.54 -33.43 -29.13
CA TYR A 114 -5.20 -34.00 -29.30
C TYR A 114 -5.07 -35.31 -28.54
N HIS A 115 -4.22 -36.20 -29.06
CA HIS A 115 -4.02 -37.47 -28.39
C HIS A 115 -2.74 -37.40 -27.57
N VAL A 116 -1.79 -36.60 -28.03
CA VAL A 116 -0.50 -36.45 -27.36
C VAL A 116 -0.12 -34.98 -27.20
N GLN A 117 0.37 -34.64 -26.02
CA GLN A 117 0.80 -33.28 -25.72
C GLN A 117 2.25 -33.30 -25.26
N VAL A 118 3.10 -32.54 -25.94
CA VAL A 118 4.51 -32.48 -25.63
C VAL A 118 5.01 -31.04 -25.44
N THR A 119 5.93 -30.88 -24.50
CA THR A 119 6.55 -29.59 -24.23
C THR A 119 7.97 -29.71 -24.79
N ALA A 120 8.38 -28.76 -25.61
CA ALA A 120 9.70 -28.80 -26.21
C ALA A 120 10.44 -27.47 -26.08
N ARG A 121 11.77 -27.55 -26.01
CA ARG A 121 12.65 -26.39 -25.87
C ARG A 121 13.67 -26.30 -27.01
N ASP A 122 14.03 -27.45 -27.57
CA ASP A 122 14.99 -27.49 -28.67
C ASP A 122 14.77 -28.75 -29.51
N GLU A 123 15.58 -28.90 -30.56
CA GLU A 123 15.43 -30.04 -31.47
C GLU A 123 15.53 -31.41 -30.81
N ASP A 124 16.28 -31.52 -29.73
CA ASP A 124 16.41 -32.80 -29.05
C ASP A 124 15.08 -33.23 -28.44
N ASP A 125 14.21 -32.27 -28.17
CA ASP A 125 12.89 -32.57 -27.61
C ASP A 125 11.92 -32.97 -28.70
N LEU A 126 12.36 -32.88 -29.94
CA LEU A 126 11.52 -33.21 -31.09
C LEU A 126 12.10 -34.33 -31.95
N ASP A 127 12.57 -35.40 -31.31
CA ASP A 127 13.11 -36.53 -32.06
C ASP A 127 11.93 -37.26 -32.68
N GLU A 128 11.93 -37.41 -33.99
CA GLU A 128 10.82 -38.06 -34.70
C GLU A 128 10.42 -39.45 -34.20
N ASN A 129 11.39 -40.31 -33.93
CA ASN A 129 11.06 -41.66 -33.46
C ASN A 129 10.46 -41.67 -32.06
N GLU A 130 11.01 -40.84 -31.19
CA GLU A 130 10.52 -40.74 -29.82
C GLU A 130 9.03 -40.32 -29.85
N LEU A 131 8.71 -39.35 -30.70
CA LEU A 131 7.34 -38.86 -30.79
C LEU A 131 6.41 -39.85 -31.46
N LEU A 132 6.89 -40.55 -32.49
CA LEU A 132 6.04 -41.52 -33.18
C LEU A 132 5.67 -42.63 -32.20
N MET A 133 6.53 -42.84 -31.20
CA MET A 133 6.29 -43.86 -30.19
C MET A 133 5.22 -43.38 -29.23
N LYS A 134 5.33 -42.13 -28.81
CA LYS A 134 4.36 -41.54 -27.89
C LYS A 134 2.98 -41.51 -28.55
N ILE A 135 2.98 -41.23 -29.85
CA ILE A 135 1.73 -41.18 -30.61
C ILE A 135 1.11 -42.57 -30.67
N SER A 136 1.95 -43.57 -30.91
CA SER A 136 1.49 -44.94 -30.98
C SER A 136 0.93 -45.44 -29.64
N ASN A 137 1.52 -45.03 -28.52
CA ASN A 137 1.05 -45.43 -27.20
C ASN A 137 -0.03 -44.53 -26.58
N ALA A 138 -0.53 -43.58 -27.38
CA ALA A 138 -1.53 -42.64 -26.88
C ALA A 138 -2.92 -43.23 -26.65
N ALA A 139 -3.65 -42.65 -25.70
CA ALA A 139 -5.02 -43.07 -25.39
C ALA A 139 -5.96 -42.25 -26.28
N GLY A 140 -7.25 -42.20 -25.92
CA GLY A 140 -8.20 -41.45 -26.71
C GLY A 140 -8.02 -39.92 -26.71
N ALA A 141 -8.72 -39.25 -27.63
CA ALA A 141 -8.67 -37.80 -27.77
C ALA A 141 -9.04 -37.04 -26.50
N LEU B 3 18.63 -17.59 -18.81
CA LEU B 3 17.95 -18.85 -18.39
C LEU B 3 18.48 -19.32 -17.04
N GLU B 4 17.64 -19.17 -16.01
CA GLU B 4 17.99 -19.55 -14.63
C GLU B 4 18.05 -21.07 -14.41
N PRO B 5 19.21 -21.58 -13.98
CA PRO B 5 19.42 -23.01 -13.72
C PRO B 5 18.83 -23.43 -12.36
N ILE B 6 18.27 -24.63 -12.31
CA ILE B 6 17.69 -25.15 -11.08
C ILE B 6 18.77 -25.79 -10.22
N ASP B 7 18.67 -25.62 -8.91
CA ASP B 7 19.66 -26.19 -8.00
C ASP B 7 19.13 -27.36 -7.20
N TYR B 8 19.45 -28.57 -7.65
CA TYR B 8 19.04 -29.77 -6.96
C TYR B 8 20.29 -30.57 -6.60
N THR B 9 21.41 -29.87 -6.58
CA THR B 9 22.70 -30.46 -6.27
C THR B 9 23.15 -30.13 -4.85
N THR B 10 22.81 -28.92 -4.40
CA THR B 10 23.17 -28.47 -3.06
C THR B 10 22.57 -29.35 -1.96
N HIS B 11 21.59 -30.17 -2.33
CA HIS B 11 20.98 -31.08 -1.37
C HIS B 11 20.73 -32.43 -1.99
N SER B 12 21.56 -32.77 -2.98
CA SER B 12 21.45 -34.03 -3.70
C SER B 12 21.42 -35.22 -2.76
N ARG B 13 22.10 -35.12 -1.63
CA ARG B 13 22.12 -36.22 -0.68
C ARG B 13 20.73 -36.57 -0.18
N GLU B 14 20.00 -35.56 0.28
CA GLU B 14 18.65 -35.76 0.79
C GLU B 14 17.67 -36.10 -0.31
N ILE B 15 17.76 -35.40 -1.44
CA ILE B 15 16.88 -35.61 -2.57
C ILE B 15 17.02 -37.01 -3.17
N ASP B 16 18.25 -37.41 -3.46
CA ASP B 16 18.49 -38.72 -4.05
C ASP B 16 18.05 -39.90 -3.19
N ALA B 17 18.18 -39.75 -1.87
CA ALA B 17 17.78 -40.81 -0.96
C ALA B 17 16.27 -41.05 -1.02
N GLU B 18 15.50 -39.97 -1.01
CA GLU B 18 14.04 -40.07 -1.08
C GLU B 18 13.61 -40.56 -2.45
N TYR B 19 14.30 -40.07 -3.48
CA TYR B 19 14.03 -40.43 -4.86
C TYR B 19 14.12 -41.94 -5.04
N LEU B 20 15.28 -42.50 -4.68
CA LEU B 20 15.50 -43.94 -4.79
C LEU B 20 14.46 -44.75 -4.04
N LYS B 21 14.12 -44.34 -2.82
CA LYS B 21 13.11 -45.05 -2.03
C LYS B 21 11.81 -45.17 -2.80
N ILE B 22 11.44 -44.07 -3.45
CA ILE B 22 10.22 -43.99 -4.21
C ILE B 22 10.21 -44.82 -5.49
N VAL B 23 11.18 -44.59 -6.37
CA VAL B 23 11.21 -45.34 -7.62
C VAL B 23 11.48 -46.84 -7.45
N ARG B 24 12.08 -47.22 -6.33
CA ARG B 24 12.35 -48.62 -6.09
C ARG B 24 11.21 -49.27 -5.31
N GLY B 25 10.44 -48.44 -4.61
CA GLY B 25 9.34 -48.96 -3.81
C GLY B 25 9.89 -49.76 -2.64
N SER B 26 11.03 -49.32 -2.12
CA SER B 26 11.71 -49.99 -1.01
C SER B 26 11.21 -49.62 0.39
N ASP B 27 10.32 -48.63 0.48
CA ASP B 27 9.80 -48.20 1.77
C ASP B 27 8.34 -47.75 1.62
N PRO B 28 7.39 -48.56 2.10
CA PRO B 28 5.98 -48.22 2.00
C PRO B 28 5.59 -46.92 2.71
N ASP B 29 6.45 -46.46 3.62
CA ASP B 29 6.20 -45.22 4.35
C ASP B 29 6.50 -43.99 3.48
N THR B 30 7.26 -44.20 2.41
CA THR B 30 7.61 -43.10 1.51
C THR B 30 7.37 -43.46 0.04
N THR B 31 6.22 -43.05 -0.49
CA THR B 31 5.85 -43.33 -1.88
C THR B 31 5.75 -42.05 -2.71
N TRP B 32 5.93 -40.89 -2.08
CA TRP B 32 5.90 -39.66 -2.84
C TRP B 32 6.83 -38.62 -2.23
N LEU B 33 7.27 -37.69 -3.06
CA LEU B 33 8.18 -36.64 -2.65
C LEU B 33 7.89 -35.35 -3.36
N ILE B 34 8.08 -34.24 -2.68
CA ILE B 34 7.91 -32.94 -3.32
C ILE B 34 9.16 -32.16 -2.97
N ILE B 35 9.82 -31.60 -3.97
CA ILE B 35 11.01 -30.80 -3.72
C ILE B 35 10.62 -29.37 -4.02
N SER B 36 11.03 -28.46 -3.12
CA SER B 36 10.70 -27.04 -3.21
C SER B 36 11.96 -26.21 -2.97
N PRO B 37 11.98 -24.97 -3.49
CA PRO B 37 13.13 -24.08 -3.33
C PRO B 37 13.17 -23.36 -1.99
N ASN B 38 14.32 -23.41 -1.31
CA ASN B 38 14.47 -22.74 -0.01
C ASN B 38 14.76 -21.25 -0.23
N ALA B 39 15.07 -20.54 0.86
CA ALA B 39 15.36 -19.12 0.81
C ALA B 39 16.48 -18.79 -0.19
N LYS B 40 17.50 -19.65 -0.27
CA LYS B 40 18.62 -19.42 -1.17
C LYS B 40 18.36 -20.01 -2.56
N LYS B 41 17.09 -20.29 -2.86
CA LYS B 41 16.68 -20.85 -4.15
C LYS B 41 17.25 -22.24 -4.39
N GLU B 42 17.54 -22.96 -3.31
CA GLU B 42 18.07 -24.31 -3.43
C GLU B 42 16.94 -25.30 -3.24
N TYR B 43 16.81 -26.23 -4.17
CA TYR B 43 15.74 -27.23 -4.06
C TYR B 43 16.12 -28.35 -3.11
N GLU B 44 15.19 -28.67 -2.22
CA GLU B 44 15.42 -29.74 -1.27
C GLU B 44 14.10 -30.41 -0.93
N PRO B 45 14.15 -31.66 -0.45
CA PRO B 45 12.91 -32.35 -0.11
C PRO B 45 12.15 -31.60 0.97
N GLU B 46 10.96 -31.13 0.62
CA GLU B 46 10.15 -30.40 1.58
C GLU B 46 9.14 -31.33 2.23
N SER B 47 8.63 -32.29 1.45
CA SER B 47 7.65 -33.24 1.98
C SER B 47 7.75 -34.63 1.35
N THR B 48 7.35 -35.64 2.12
CA THR B 48 7.31 -37.03 1.68
C THR B 48 6.17 -37.65 2.47
N GLY B 49 5.64 -38.76 1.96
CA GLY B 49 4.55 -39.41 2.65
C GLY B 49 4.20 -40.68 1.91
N SER B 50 3.15 -41.36 2.36
CA SER B 50 2.73 -42.61 1.73
C SER B 50 1.39 -42.51 1.02
N SER B 51 0.61 -41.49 1.37
CA SER B 51 -0.70 -41.31 0.77
C SER B 51 -0.70 -40.40 -0.46
N PHE B 52 -1.17 -40.94 -1.58
CA PHE B 52 -1.23 -40.19 -2.83
C PHE B 52 -2.15 -39.00 -2.65
N HIS B 53 -3.18 -39.18 -1.82
CA HIS B 53 -4.16 -38.14 -1.52
C HIS B 53 -3.49 -36.99 -0.76
N ASP B 54 -2.54 -37.32 0.12
CA ASP B 54 -1.80 -36.30 0.86
C ASP B 54 -0.91 -35.55 -0.14
N PHE B 55 -0.26 -36.31 -1.00
CA PHE B 55 0.64 -35.77 -2.04
C PHE B 55 -0.01 -34.62 -2.83
N LEU B 56 -1.22 -34.85 -3.32
CA LEU B 56 -1.91 -33.87 -4.13
C LEU B 56 -2.33 -32.59 -3.42
N GLN B 57 -2.23 -32.55 -2.09
CA GLN B 57 -2.60 -31.36 -1.34
C GLN B 57 -1.39 -30.68 -0.73
N LEU B 58 -0.19 -31.17 -1.07
CA LEU B 58 1.02 -30.61 -0.49
C LEU B 58 1.82 -29.62 -1.36
N PHE B 59 1.23 -29.14 -2.45
CA PHE B 59 1.93 -28.17 -3.31
C PHE B 59 1.64 -26.72 -2.90
N ASP B 60 2.65 -25.86 -3.02
CA ASP B 60 2.56 -24.45 -2.64
C ASP B 60 2.24 -23.56 -3.85
N GLU B 61 1.09 -22.88 -3.80
CA GLU B 61 0.64 -22.02 -4.90
C GLU B 61 1.54 -20.82 -5.23
N THR B 62 2.59 -20.61 -4.47
CA THR B 62 3.48 -19.48 -4.73
C THR B 62 4.89 -19.95 -5.09
N LYS B 63 5.05 -21.25 -5.28
CA LYS B 63 6.36 -21.80 -5.63
C LYS B 63 6.34 -22.82 -6.75
N VAL B 64 7.40 -22.82 -7.55
CA VAL B 64 7.53 -23.80 -8.62
C VAL B 64 8.11 -24.99 -7.87
N GLN B 65 7.41 -26.12 -7.92
CA GLN B 65 7.84 -27.32 -7.23
C GLN B 65 7.78 -28.54 -8.17
N TYR B 66 8.39 -29.64 -7.74
CA TYR B 66 8.37 -30.87 -8.54
C TYR B 66 8.02 -32.03 -7.62
N GLY B 67 7.05 -32.83 -8.05
CA GLY B 67 6.64 -33.96 -7.25
C GLY B 67 6.94 -35.29 -7.92
N LEU B 68 7.17 -36.32 -7.11
CA LEU B 68 7.47 -37.65 -7.61
C LEU B 68 6.61 -38.62 -6.81
N ALA B 69 5.84 -39.45 -7.47
CA ALA B 69 5.01 -40.40 -6.74
C ALA B 69 4.95 -41.77 -7.40
N ARG B 70 4.95 -42.80 -6.56
CA ARG B 70 4.83 -44.17 -7.05
C ARG B 70 3.42 -44.53 -6.64
N VAL B 71 2.55 -44.78 -7.61
CA VAL B 71 1.15 -45.08 -7.33
C VAL B 71 0.56 -46.18 -8.21
N SER B 72 -0.34 -46.97 -7.63
CA SER B 72 -1.00 -48.02 -8.40
C SER B 72 -2.47 -47.67 -8.52
N PRO B 73 -2.90 -47.21 -9.70
CA PRO B 73 -4.31 -46.84 -9.95
C PRO B 73 -5.25 -48.01 -9.73
N PRO B 74 -6.55 -47.70 -9.51
CA PRO B 74 -7.61 -48.69 -9.28
C PRO B 74 -7.57 -49.85 -10.25
N GLY B 75 -7.28 -49.56 -11.52
CA GLY B 75 -7.21 -50.61 -12.51
C GLY B 75 -6.65 -51.93 -11.99
N SER B 76 -5.33 -52.04 -11.95
CA SER B 76 -4.68 -53.26 -11.47
C SER B 76 -3.80 -52.96 -10.27
N ASP B 77 -2.83 -53.84 -10.02
CA ASP B 77 -1.91 -53.66 -8.91
C ASP B 77 -0.51 -53.27 -9.40
N VAL B 78 -0.40 -52.90 -10.68
CA VAL B 78 0.87 -52.46 -11.23
C VAL B 78 1.19 -51.07 -10.68
N GLU B 79 2.45 -50.87 -10.30
CA GLU B 79 2.89 -49.59 -9.74
C GLU B 79 3.56 -48.72 -10.78
N LYS B 80 3.07 -47.49 -10.90
CA LYS B 80 3.63 -46.53 -11.87
C LYS B 80 4.22 -45.30 -11.20
N ILE B 81 5.13 -44.65 -11.90
CA ILE B 81 5.79 -43.45 -11.38
C ILE B 81 5.29 -42.21 -12.13
N ILE B 82 4.87 -41.19 -11.38
CA ILE B 82 4.43 -39.95 -12.00
C ILE B 82 5.24 -38.77 -11.47
N ILE B 83 5.66 -37.88 -12.37
CA ILE B 83 6.38 -36.69 -11.94
C ILE B 83 5.50 -35.51 -12.30
N ILE B 84 5.37 -34.59 -11.35
CA ILE B 84 4.56 -33.42 -11.55
C ILE B 84 5.37 -32.13 -11.55
N GLY B 85 5.21 -31.35 -12.61
CA GLY B 85 5.88 -30.07 -12.72
C GLY B 85 4.87 -29.02 -12.29
N TRP B 86 4.97 -28.57 -11.05
CA TRP B 86 4.05 -27.59 -10.49
C TRP B 86 4.56 -26.15 -10.72
N CYS B 87 3.95 -25.47 -11.69
CA CYS B 87 4.34 -24.10 -12.04
C CYS B 87 3.13 -23.17 -11.87
N PRO B 88 2.81 -22.79 -10.63
CA PRO B 88 1.67 -21.91 -10.37
C PRO B 88 1.88 -20.49 -10.88
N ASP B 89 0.79 -19.79 -11.17
CA ASP B 89 0.85 -18.42 -11.67
C ASP B 89 1.45 -17.45 -10.63
N SER B 90 1.25 -17.72 -9.35
CA SER B 90 1.77 -16.84 -8.30
C SER B 90 3.25 -17.00 -8.02
N ALA B 91 3.89 -17.99 -8.63
CA ALA B 91 5.31 -18.19 -8.41
C ALA B 91 6.07 -17.04 -9.09
N PRO B 92 7.32 -16.78 -8.69
CA PRO B 92 8.11 -15.69 -9.29
C PRO B 92 8.22 -15.78 -10.81
N LEU B 93 8.09 -14.64 -11.47
CA LEU B 93 8.18 -14.56 -12.93
C LEU B 93 9.37 -15.32 -13.49
N LYS B 94 10.55 -15.04 -12.96
CA LYS B 94 11.76 -15.69 -13.45
C LYS B 94 11.78 -17.20 -13.29
N THR B 95 11.25 -17.71 -12.19
CA THR B 95 11.24 -19.15 -12.00
C THR B 95 10.25 -19.79 -12.98
N ARG B 96 9.15 -19.08 -13.24
CA ARG B 96 8.15 -19.57 -14.18
C ARG B 96 8.72 -19.55 -15.59
N ALA B 97 9.50 -18.51 -15.88
CA ALA B 97 10.11 -18.37 -17.21
C ALA B 97 11.14 -19.45 -17.49
N SER B 98 11.69 -20.06 -16.45
CA SER B 98 12.68 -21.12 -16.62
C SER B 98 12.11 -22.51 -16.34
N PHE B 99 10.81 -22.56 -16.08
CA PHE B 99 10.13 -23.83 -15.77
C PHE B 99 10.35 -24.91 -16.81
N ALA B 100 10.07 -24.60 -18.07
CA ALA B 100 10.23 -25.58 -19.14
C ALA B 100 11.62 -26.21 -19.12
N ALA B 101 12.64 -25.37 -19.01
CA ALA B 101 14.01 -25.85 -18.98
C ALA B 101 14.28 -26.65 -17.72
N ASN B 102 13.90 -26.11 -16.57
CA ASN B 102 14.16 -26.80 -15.32
C ASN B 102 13.38 -28.10 -15.13
N PHE B 103 12.14 -28.12 -15.60
CA PHE B 103 11.33 -29.33 -15.49
C PHE B 103 11.97 -30.37 -16.38
N ALA B 104 12.51 -29.94 -17.52
CA ALA B 104 13.15 -30.87 -18.45
C ALA B 104 14.38 -31.47 -17.75
N ALA B 105 15.11 -30.63 -17.02
CA ALA B 105 16.30 -31.06 -16.30
C ALA B 105 15.93 -32.09 -15.23
N VAL B 106 14.92 -31.77 -14.44
CA VAL B 106 14.44 -32.65 -13.39
C VAL B 106 14.03 -34.02 -13.95
N ALA B 107 13.29 -34.00 -15.05
CA ALA B 107 12.81 -35.22 -15.68
C ALA B 107 13.93 -36.09 -16.26
N ASN B 108 14.89 -35.46 -16.91
CA ASN B 108 15.99 -36.18 -17.55
C ASN B 108 17.16 -36.52 -16.65
N ASN B 109 17.46 -35.66 -15.68
CA ASN B 109 18.62 -35.91 -14.83
C ASN B 109 18.38 -36.33 -13.39
N LEU B 110 17.26 -35.93 -12.81
CA LEU B 110 16.99 -36.24 -11.42
C LEU B 110 15.96 -37.36 -11.21
N PHE B 111 14.70 -37.08 -11.51
CA PHE B 111 13.64 -38.07 -11.33
C PHE B 111 13.48 -39.01 -12.53
N LYS B 112 14.52 -39.80 -12.80
CA LYS B 112 14.51 -40.71 -13.92
C LYS B 112 13.63 -41.94 -13.69
N GLY B 113 13.05 -42.46 -14.77
CA GLY B 113 12.22 -43.65 -14.66
C GLY B 113 10.73 -43.43 -14.45
N TYR B 114 10.26 -42.23 -14.71
CA TYR B 114 8.85 -41.92 -14.54
C TYR B 114 8.07 -42.53 -15.71
N HIS B 115 6.80 -42.83 -15.50
CA HIS B 115 5.96 -43.40 -16.55
C HIS B 115 5.06 -42.30 -17.09
N VAL B 116 4.74 -41.33 -16.23
CA VAL B 116 3.88 -40.23 -16.60
C VAL B 116 4.47 -38.90 -16.19
N GLN B 117 4.34 -37.91 -17.05
CA GLN B 117 4.83 -36.57 -16.75
C GLN B 117 3.65 -35.63 -16.89
N VAL B 118 3.44 -34.78 -15.89
CA VAL B 118 2.32 -33.85 -15.91
C VAL B 118 2.71 -32.44 -15.48
N THR B 119 2.21 -31.45 -16.20
CA THR B 119 2.45 -30.05 -15.85
C THR B 119 1.17 -29.55 -15.18
N ALA B 120 1.30 -29.03 -13.97
CA ALA B 120 0.14 -28.55 -13.22
C ALA B 120 0.31 -27.11 -12.75
N ARG B 121 -0.80 -26.36 -12.74
CA ARG B 121 -0.81 -24.96 -12.34
C ARG B 121 -1.70 -24.67 -11.13
N ASP B 122 -2.80 -25.42 -11.00
CA ASP B 122 -3.72 -25.22 -9.90
C ASP B 122 -4.28 -26.53 -9.37
N GLU B 123 -5.11 -26.42 -8.34
CA GLU B 123 -5.73 -27.58 -7.71
C GLU B 123 -6.54 -28.42 -8.70
N ASP B 124 -7.07 -27.77 -9.74
CA ASP B 124 -7.85 -28.48 -10.75
C ASP B 124 -6.97 -29.50 -11.48
N ASP B 125 -5.73 -29.09 -11.78
CA ASP B 125 -4.78 -29.96 -12.48
C ASP B 125 -4.31 -31.09 -11.58
N LEU B 126 -4.69 -31.04 -10.30
CA LEU B 126 -4.30 -32.07 -9.36
C LEU B 126 -5.47 -32.94 -8.88
N ASP B 127 -6.45 -33.15 -9.76
CA ASP B 127 -7.59 -33.97 -9.40
C ASP B 127 -7.15 -35.42 -9.36
N GLU B 128 -7.24 -36.04 -8.19
CA GLU B 128 -6.82 -37.41 -8.01
C GLU B 128 -7.36 -38.37 -9.07
N ASN B 129 -8.68 -38.38 -9.28
CA ASN B 129 -9.26 -39.27 -10.27
C ASN B 129 -8.65 -39.07 -11.66
N GLU B 130 -8.53 -37.82 -12.08
CA GLU B 130 -7.96 -37.52 -13.39
C GLU B 130 -6.52 -38.04 -13.51
N LEU B 131 -5.70 -37.78 -12.50
CA LEU B 131 -4.31 -38.23 -12.51
C LEU B 131 -4.16 -39.74 -12.58
N LEU B 132 -4.98 -40.45 -11.81
CA LEU B 132 -4.95 -41.92 -11.77
C LEU B 132 -5.28 -42.54 -13.12
N MET B 133 -6.14 -41.88 -13.89
CA MET B 133 -6.49 -42.41 -15.20
C MET B 133 -5.34 -42.18 -16.18
N LYS B 134 -4.65 -41.05 -16.04
CA LYS B 134 -3.50 -40.75 -16.89
C LYS B 134 -2.41 -41.79 -16.57
N ILE B 135 -2.17 -41.99 -15.28
CA ILE B 135 -1.18 -42.95 -14.83
C ILE B 135 -1.49 -44.34 -15.37
N SER B 136 -2.77 -44.70 -15.34
CA SER B 136 -3.22 -46.00 -15.80
C SER B 136 -3.05 -46.18 -17.32
N ASN B 137 -3.23 -45.10 -18.08
CA ASN B 137 -3.08 -45.18 -19.53
C ASN B 137 -1.62 -45.20 -19.98
N ALA B 138 -0.83 -44.28 -19.44
CA ALA B 138 0.58 -44.19 -19.80
C ALA B 138 1.39 -45.31 -19.16
N ALA B 139 2.18 -46.01 -19.98
CA ALA B 139 3.00 -47.09 -19.48
C ALA B 139 4.29 -47.22 -20.29
N GLY B 140 5.39 -46.71 -19.74
CA GLY B 140 6.66 -46.78 -20.45
C GLY B 140 7.85 -47.06 -19.57
N ALA B 141 8.81 -46.13 -19.57
CA ALA B 141 10.02 -46.26 -18.77
C ALA B 141 10.88 -45.00 -18.89
N LEU C 3 -12.87 8.62 -30.57
CA LEU C 3 -12.52 8.68 -29.12
C LEU C 3 -12.57 7.25 -28.56
N GLU C 4 -12.24 7.09 -27.29
CA GLU C 4 -12.25 5.78 -26.66
C GLU C 4 -11.86 5.91 -25.19
N PRO C 5 -12.81 6.35 -24.34
CA PRO C 5 -12.59 6.54 -22.90
C PRO C 5 -11.89 5.38 -22.19
N ILE C 6 -10.98 5.74 -21.29
CA ILE C 6 -10.23 4.75 -20.55
C ILE C 6 -11.09 4.04 -19.50
N ASP C 7 -10.95 2.73 -19.44
CA ASP C 7 -11.67 1.94 -18.46
C ASP C 7 -10.69 1.43 -17.41
N TYR C 8 -10.78 2.01 -16.22
CA TYR C 8 -9.92 1.61 -15.12
C TYR C 8 -10.80 1.20 -13.95
N THR C 9 -12.07 0.95 -14.25
CA THR C 9 -13.02 0.54 -13.23
C THR C 9 -13.29 -0.95 -13.31
N THR C 10 -13.12 -1.54 -14.48
CA THR C 10 -13.37 -2.98 -14.60
C THR C 10 -12.48 -3.71 -13.60
N HIS C 11 -11.18 -3.44 -13.63
CA HIS C 11 -10.24 -4.06 -12.71
C HIS C 11 -9.78 -3.11 -11.60
N SER C 12 -10.73 -2.37 -11.03
CA SER C 12 -10.45 -1.44 -9.96
C SER C 12 -9.77 -2.08 -8.74
N ARG C 13 -10.18 -3.30 -8.41
CA ARG C 13 -9.63 -4.01 -7.26
C ARG C 13 -8.12 -4.13 -7.33
N GLU C 14 -7.62 -4.62 -8.46
CA GLU C 14 -6.19 -4.80 -8.67
C GLU C 14 -5.45 -3.46 -8.69
N ILE C 15 -5.97 -2.51 -9.44
CA ILE C 15 -5.34 -1.20 -9.56
C ILE C 15 -5.28 -0.45 -8.24
N ASP C 16 -6.42 -0.29 -7.59
CA ASP C 16 -6.48 0.42 -6.32
C ASP C 16 -5.60 -0.21 -5.25
N ALA C 17 -5.53 -1.53 -5.23
CA ALA C 17 -4.70 -2.20 -4.24
C ALA C 17 -3.23 -1.77 -4.45
N GLU C 18 -2.77 -1.77 -5.70
CA GLU C 18 -1.39 -1.35 -5.96
C GLU C 18 -1.23 0.13 -5.68
N TYR C 19 -2.19 0.93 -6.14
CA TYR C 19 -2.16 2.37 -5.95
C TYR C 19 -2.01 2.75 -4.47
N LEU C 20 -2.80 2.12 -3.61
CA LEU C 20 -2.74 2.42 -2.19
C LEU C 20 -1.40 2.03 -1.56
N LYS C 21 -0.77 0.97 -2.06
CA LYS C 21 0.53 0.55 -1.52
C LYS C 21 1.56 1.62 -1.78
N ILE C 22 1.46 2.23 -2.94
CA ILE C 22 2.41 3.26 -3.35
C ILE C 22 2.24 4.59 -2.62
N VAL C 23 1.05 5.14 -2.63
CA VAL C 23 0.82 6.41 -1.95
C VAL C 23 0.99 6.30 -0.43
N ARG C 24 0.75 5.11 0.13
CA ARG C 24 0.90 4.90 1.57
C ARG C 24 2.31 4.49 1.95
N GLY C 25 3.03 3.91 1.00
CA GLY C 25 4.39 3.46 1.26
C GLY C 25 4.36 2.30 2.23
N SER C 26 3.34 1.47 2.11
CA SER C 26 3.15 0.33 3.00
C SER C 26 3.95 -0.92 2.63
N ASP C 27 4.56 -0.92 1.45
CA ASP C 27 5.34 -2.07 1.00
C ASP C 27 6.58 -1.69 0.21
N PRO C 28 7.77 -1.84 0.82
CA PRO C 28 9.06 -1.51 0.21
C PRO C 28 9.35 -2.20 -1.12
N ASP C 29 8.66 -3.30 -1.41
CA ASP C 29 8.84 -4.03 -2.65
C ASP C 29 7.98 -3.47 -3.78
N THR C 30 7.06 -2.57 -3.44
CA THR C 30 6.19 -1.98 -4.44
C THR C 30 6.17 -0.48 -4.25
N THR C 31 6.97 0.24 -5.05
CA THR C 31 7.03 1.69 -4.96
C THR C 31 6.61 2.34 -6.27
N TRP C 32 6.38 1.51 -7.28
CA TRP C 32 5.92 1.99 -8.57
C TRP C 32 4.98 0.99 -9.23
N LEU C 33 4.20 1.48 -10.18
CA LEU C 33 3.21 0.65 -10.87
C LEU C 33 2.96 1.20 -12.26
N ILE C 34 2.71 0.30 -13.21
CA ILE C 34 2.37 0.71 -14.56
C ILE C 34 1.10 -0.06 -14.94
N ILE C 35 0.10 0.65 -15.45
CA ILE C 35 -1.12 0.00 -15.85
C ILE C 35 -1.18 0.06 -17.37
N SER C 36 -1.72 -1.00 -17.97
CA SER C 36 -1.78 -1.08 -19.42
C SER C 36 -3.10 -1.71 -19.85
N PRO C 37 -3.50 -1.49 -21.10
CA PRO C 37 -4.78 -2.07 -21.56
C PRO C 37 -4.67 -3.54 -21.95
N ASN C 38 -5.64 -4.34 -21.52
CA ASN C 38 -5.65 -5.75 -21.87
C ASN C 38 -6.30 -5.89 -23.24
N ALA C 39 -6.37 -7.11 -23.75
CA ALA C 39 -6.96 -7.37 -25.05
C ALA C 39 -8.34 -6.72 -25.18
N LYS C 40 -9.07 -6.63 -24.07
CA LYS C 40 -10.40 -6.03 -24.09
C LYS C 40 -10.38 -4.52 -23.87
N LYS C 41 -9.18 -3.94 -23.93
CA LYS C 41 -9.01 -2.51 -23.74
C LYS C 41 -9.36 -2.06 -22.33
N GLU C 42 -9.18 -2.95 -21.36
CA GLU C 42 -9.44 -2.62 -19.97
C GLU C 42 -8.08 -2.46 -19.35
N TYR C 43 -7.88 -1.38 -18.60
CA TYR C 43 -6.59 -1.15 -17.96
C TYR C 43 -6.44 -1.97 -16.69
N GLU C 44 -5.24 -2.47 -16.48
CA GLU C 44 -4.94 -3.27 -15.29
C GLU C 44 -3.44 -3.20 -15.04
N PRO C 45 -3.02 -3.49 -13.80
CA PRO C 45 -1.58 -3.44 -13.53
C PRO C 45 -0.79 -4.39 -14.42
N GLU C 46 0.23 -3.86 -15.09
CA GLU C 46 1.06 -4.66 -15.95
C GLU C 46 2.32 -5.05 -15.19
N SER C 47 2.83 -4.13 -14.39
CA SER C 47 4.03 -4.41 -13.61
C SER C 47 4.21 -3.47 -12.42
N THR C 48 4.98 -3.94 -11.45
CA THR C 48 5.31 -3.18 -10.26
C THR C 48 6.74 -3.51 -9.88
N GLY C 49 7.33 -2.65 -9.04
CA GLY C 49 8.70 -2.86 -8.62
C GLY C 49 9.07 -1.92 -7.50
N SER C 50 10.37 -1.84 -7.20
CA SER C 50 10.84 -0.98 -6.13
C SER C 50 11.93 -0.03 -6.64
N SER C 51 12.45 -0.31 -7.83
CA SER C 51 13.49 0.53 -8.40
C SER C 51 12.92 1.56 -9.38
N PHE C 52 13.14 2.83 -9.07
CA PHE C 52 12.69 3.94 -9.90
C PHE C 52 13.41 3.90 -11.24
N HIS C 53 14.71 3.57 -11.18
CA HIS C 53 15.51 3.48 -12.37
C HIS C 53 14.89 2.48 -13.34
N ASP C 54 14.52 1.31 -12.84
CA ASP C 54 13.90 0.30 -13.70
C ASP C 54 12.55 0.83 -14.20
N PHE C 55 11.74 1.35 -13.28
CA PHE C 55 10.44 1.92 -13.62
C PHE C 55 10.51 2.67 -14.95
N LEU C 56 11.43 3.62 -15.04
CA LEU C 56 11.56 4.43 -16.27
C LEU C 56 11.85 3.65 -17.56
N GLN C 57 12.29 2.40 -17.44
CA GLN C 57 12.59 1.60 -18.63
C GLN C 57 11.59 0.48 -18.87
N LEU C 58 10.50 0.47 -18.10
CA LEU C 58 9.54 -0.62 -18.25
C LEU C 58 8.29 -0.32 -19.09
N PHE C 59 8.23 0.87 -19.67
CA PHE C 59 7.08 1.21 -20.49
C PHE C 59 7.13 0.53 -21.86
N ASP C 60 5.96 0.19 -22.38
CA ASP C 60 5.80 -0.47 -23.68
C ASP C 60 5.59 0.55 -24.81
N GLU C 61 6.48 0.55 -25.79
CA GLU C 61 6.42 1.50 -26.91
C GLU C 61 5.24 1.34 -27.85
N THR C 62 4.41 0.32 -27.62
CA THR C 62 3.26 0.08 -28.49
C THR C 62 1.92 0.32 -27.79
N LYS C 63 1.96 0.67 -26.51
CA LYS C 63 0.73 0.91 -25.78
C LYS C 63 0.75 2.20 -24.97
N VAL C 64 -0.43 2.81 -24.80
CA VAL C 64 -0.52 4.01 -24.00
C VAL C 64 -0.64 3.48 -22.59
N GLN C 65 0.29 3.85 -21.72
CA GLN C 65 0.28 3.36 -20.35
C GLN C 65 0.38 4.49 -19.34
N TYR C 66 0.17 4.15 -18.07
CA TYR C 66 0.27 5.14 -17.02
C TYR C 66 1.09 4.60 -15.87
N GLY C 67 2.09 5.38 -15.45
CA GLY C 67 2.92 4.97 -14.35
C GLY C 67 2.69 5.80 -13.09
N LEU C 68 2.95 5.17 -11.95
CA LEU C 68 2.80 5.84 -10.66
C LEU C 68 3.99 5.42 -9.83
N ALA C 69 4.73 6.39 -9.30
CA ALA C 69 5.90 6.05 -8.50
C ALA C 69 6.12 6.93 -7.28
N ARG C 70 6.46 6.29 -6.17
CA ARG C 70 6.74 7.00 -4.93
C ARG C 70 8.26 7.04 -4.89
N VAL C 71 8.84 8.24 -4.94
CA VAL C 71 10.28 8.35 -4.94
C VAL C 71 10.77 9.42 -4.02
N SER C 72 11.96 9.19 -3.48
CA SER C 72 12.60 10.14 -2.59
C SER C 72 13.79 10.68 -3.37
N PRO C 73 13.90 12.01 -3.48
CA PRO C 73 14.99 12.68 -4.19
C PRO C 73 16.37 12.52 -3.51
N PRO C 74 17.45 12.87 -4.23
CA PRO C 74 18.86 12.80 -3.82
C PRO C 74 19.21 12.81 -2.32
N GLY C 75 19.31 13.99 -1.72
CA GLY C 75 19.65 14.04 -0.30
C GLY C 75 18.46 14.35 0.57
N SER C 76 17.41 13.54 0.42
CA SER C 76 16.18 13.75 1.18
C SER C 76 15.47 12.46 1.53
N ASP C 77 14.77 12.47 2.66
CA ASP C 77 13.99 11.33 3.11
C ASP C 77 12.55 11.56 2.68
N VAL C 78 12.25 12.78 2.27
CA VAL C 78 10.91 13.13 1.80
C VAL C 78 10.56 12.27 0.60
N GLU C 79 9.37 11.70 0.62
CA GLU C 79 8.88 10.85 -0.45
C GLU C 79 7.85 11.65 -1.24
N LYS C 80 8.00 11.67 -2.56
CA LYS C 80 7.07 12.39 -3.41
C LYS C 80 6.50 11.43 -4.45
N ILE C 81 5.33 11.77 -4.98
CA ILE C 81 4.68 10.91 -5.97
C ILE C 81 4.73 11.47 -7.39
N ILE C 82 5.15 10.65 -8.34
CA ILE C 82 5.18 11.11 -9.72
C ILE C 82 4.33 10.19 -10.57
N ILE C 83 3.61 10.77 -11.52
CA ILE C 83 2.79 9.99 -12.44
C ILE C 83 3.26 10.27 -13.85
N ILE C 84 3.28 9.23 -14.65
CA ILE C 84 3.74 9.33 -16.03
C ILE C 84 2.62 8.98 -16.99
N GLY C 85 2.39 9.85 -17.96
CA GLY C 85 1.39 9.60 -18.99
C GLY C 85 2.25 9.18 -20.17
N TRP C 86 2.28 7.87 -20.47
CA TRP C 86 3.09 7.31 -21.56
C TRP C 86 2.31 7.10 -22.84
N CYS C 87 2.59 7.93 -23.84
CA CYS C 87 1.91 7.84 -25.12
C CYS C 87 2.96 7.75 -26.22
N PRO C 88 3.31 6.51 -26.61
CA PRO C 88 4.31 6.25 -27.65
C PRO C 88 3.75 6.37 -29.06
N ASP C 89 4.60 6.77 -30.01
CA ASP C 89 4.17 6.92 -31.40
C ASP C 89 3.60 5.62 -31.98
N SER C 90 4.12 4.48 -31.55
CA SER C 90 3.67 3.19 -32.06
C SER C 90 2.34 2.70 -31.49
N ALA C 91 1.76 3.49 -30.60
CA ALA C 91 0.46 3.13 -30.02
C ALA C 91 -0.62 3.42 -31.07
N PRO C 92 -1.76 2.71 -30.98
CA PRO C 92 -2.84 2.93 -31.95
C PRO C 92 -3.31 4.37 -32.00
N LEU C 93 -3.49 4.87 -33.22
CA LEU C 93 -3.93 6.24 -33.48
C LEU C 93 -5.03 6.73 -32.55
N LYS C 94 -6.13 5.98 -32.46
CA LYS C 94 -7.25 6.35 -31.59
C LYS C 94 -6.85 6.52 -30.13
N THR C 95 -6.02 5.61 -29.64
CA THR C 95 -5.60 5.67 -28.25
C THR C 95 -4.75 6.91 -28.02
N ARG C 96 -3.95 7.29 -29.01
CA ARG C 96 -3.11 8.47 -28.91
C ARG C 96 -3.95 9.75 -28.97
N ALA C 97 -4.97 9.74 -29.81
CA ALA C 97 -5.83 10.90 -29.96
C ALA C 97 -6.63 11.14 -28.68
N SER C 98 -6.88 10.05 -27.95
CA SER C 98 -7.64 10.10 -26.70
C SER C 98 -6.75 10.20 -25.47
N PHE C 99 -5.43 10.25 -25.67
CA PHE C 99 -4.50 10.31 -24.53
C PHE C 99 -4.71 11.49 -23.57
N ALA C 100 -4.73 12.70 -24.10
CA ALA C 100 -4.90 13.87 -23.24
C ALA C 100 -6.11 13.72 -22.33
N ALA C 101 -7.23 13.28 -22.88
CA ALA C 101 -8.45 13.07 -22.10
C ALA C 101 -8.26 11.96 -21.08
N ASN C 102 -7.75 10.82 -21.54
CA ASN C 102 -7.54 9.70 -20.63
C ASN C 102 -6.50 9.99 -19.55
N PHE C 103 -5.46 10.75 -19.89
CA PHE C 103 -4.45 11.06 -18.88
C PHE C 103 -5.05 11.98 -17.83
N ALA C 104 -5.81 12.99 -18.28
CA ALA C 104 -6.46 13.90 -17.35
C ALA C 104 -7.33 13.06 -16.39
N ALA C 105 -8.10 12.14 -16.97
CA ALA C 105 -8.97 11.27 -16.19
C ALA C 105 -8.20 10.53 -15.09
N VAL C 106 -7.16 9.81 -15.52
CA VAL C 106 -6.30 9.07 -14.60
C VAL C 106 -5.73 9.97 -13.51
N ALA C 107 -5.21 11.12 -13.93
CA ALA C 107 -4.61 12.08 -13.00
C ALA C 107 -5.59 12.65 -11.96
N ASN C 108 -6.83 12.87 -12.38
CA ASN C 108 -7.82 13.47 -11.50
C ASN C 108 -8.73 12.50 -10.76
N ASN C 109 -8.88 11.29 -11.26
CA ASN C 109 -9.77 10.34 -10.61
C ASN C 109 -9.16 8.99 -10.18
N LEU C 110 -7.96 8.67 -10.63
CA LEU C 110 -7.35 7.39 -10.27
C LEU C 110 -6.11 7.53 -9.42
N PHE C 111 -5.06 8.09 -10.00
CA PHE C 111 -3.81 8.26 -9.28
C PHE C 111 -3.73 9.63 -8.60
N LYS C 112 -4.71 9.93 -7.76
CA LYS C 112 -4.74 11.22 -7.05
C LYS C 112 -3.66 11.28 -5.99
N GLY C 113 -3.12 12.46 -5.75
CA GLY C 113 -2.09 12.59 -4.74
C GLY C 113 -0.68 12.73 -5.29
N TYR C 114 -0.56 12.76 -6.60
CA TYR C 114 0.73 12.88 -7.23
C TYR C 114 1.24 14.29 -7.01
N HIS C 115 2.56 14.48 -7.09
CA HIS C 115 3.16 15.80 -6.89
C HIS C 115 3.75 16.28 -8.20
N VAL C 116 4.19 15.34 -9.03
CA VAL C 116 4.75 15.67 -10.33
C VAL C 116 4.02 14.89 -11.41
N GLN C 117 3.76 15.56 -12.54
CA GLN C 117 3.08 14.96 -13.66
C GLN C 117 4.01 15.07 -14.88
N VAL C 118 4.17 13.95 -15.59
CA VAL C 118 5.03 13.96 -16.76
C VAL C 118 4.35 13.31 -17.96
N THR C 119 4.38 14.00 -19.10
CA THR C 119 3.84 13.48 -20.35
C THR C 119 5.06 12.96 -21.09
N ALA C 120 5.07 11.66 -21.36
CA ALA C 120 6.21 11.04 -22.04
C ALA C 120 5.83 10.36 -23.34
N ARG C 121 6.53 10.75 -24.39
CA ARG C 121 6.32 10.19 -25.71
C ARG C 121 7.27 9.02 -25.93
N ASP C 122 8.48 9.15 -25.39
CA ASP C 122 9.48 8.08 -25.49
C ASP C 122 10.48 8.25 -24.34
N GLU C 123 11.39 7.29 -24.22
CA GLU C 123 12.36 7.31 -23.12
C GLU C 123 13.17 8.60 -22.92
N ASP C 124 13.33 9.41 -23.95
CA ASP C 124 14.09 10.65 -23.77
C ASP C 124 13.36 11.63 -22.85
N ASP C 125 12.05 11.47 -22.71
CA ASP C 125 11.25 12.34 -21.85
C ASP C 125 11.33 11.86 -20.41
N LEU C 126 11.89 10.66 -20.25
CA LEU C 126 12.04 10.05 -18.94
C LEU C 126 13.49 10.10 -18.45
N ASP C 127 14.15 11.25 -18.61
CA ASP C 127 15.52 11.34 -18.14
C ASP C 127 15.55 11.32 -16.61
N GLU C 128 16.08 10.22 -16.06
CA GLU C 128 16.16 10.05 -14.62
C GLU C 128 16.65 11.27 -13.84
N ASN C 129 17.76 11.87 -14.27
CA ASN C 129 18.30 13.05 -13.60
C ASN C 129 17.29 14.22 -13.64
N GLU C 130 16.73 14.49 -14.80
CA GLU C 130 15.77 15.59 -14.92
C GLU C 130 14.51 15.30 -14.10
N LEU C 131 14.03 14.06 -14.13
CA LEU C 131 12.85 13.70 -13.37
C LEU C 131 13.10 13.84 -11.87
N LEU C 132 14.27 13.42 -11.41
CA LEU C 132 14.58 13.53 -9.99
C LEU C 132 14.69 14.98 -9.56
N MET C 133 15.14 15.85 -10.48
CA MET C 133 15.25 17.26 -10.16
C MET C 133 13.86 17.83 -9.96
N LYS C 134 12.91 17.33 -10.75
CA LYS C 134 11.51 17.76 -10.64
C LYS C 134 10.99 17.27 -9.30
N ILE C 135 11.36 16.05 -8.93
CA ILE C 135 10.93 15.48 -7.65
C ILE C 135 11.58 16.25 -6.50
N SER C 136 12.85 16.59 -6.67
CA SER C 136 13.58 17.34 -5.64
C SER C 136 12.87 18.65 -5.33
N ASN C 137 12.83 19.55 -6.31
CA ASN C 137 12.22 20.85 -6.14
C ASN C 137 10.68 20.81 -6.14
N ALA D 2 5.67 12.18 -35.41
CA ALA D 2 4.23 12.54 -35.28
C ALA D 2 3.61 12.80 -36.64
N LEU D 3 2.33 12.49 -36.77
CA LEU D 3 1.63 12.70 -38.03
C LEU D 3 1.58 14.21 -38.34
N GLU D 4 1.53 15.04 -37.30
CA GLU D 4 1.50 16.50 -37.48
C GLU D 4 2.55 17.13 -36.58
N PRO D 5 3.83 17.08 -36.95
CA PRO D 5 4.84 17.70 -36.08
C PRO D 5 4.53 19.17 -35.86
N ILE D 6 4.70 19.64 -34.62
CA ILE D 6 4.41 21.02 -34.30
C ILE D 6 5.43 22.00 -34.87
N ASP D 7 4.94 23.16 -35.28
CA ASP D 7 5.80 24.20 -35.80
C ASP D 7 5.72 25.45 -34.93
N TYR D 8 6.73 25.65 -34.08
CA TYR D 8 6.79 26.82 -33.24
C TYR D 8 8.01 27.67 -33.62
N THR D 9 8.57 27.41 -34.80
CA THR D 9 9.75 28.13 -35.27
C THR D 9 9.42 29.23 -36.28
N THR D 10 8.46 28.96 -37.18
CA THR D 10 8.09 29.96 -38.18
C THR D 10 7.75 31.30 -37.52
N HIS D 11 7.12 31.25 -36.36
CA HIS D 11 6.75 32.47 -35.62
C HIS D 11 7.45 32.49 -34.28
N SER D 12 8.70 32.03 -34.28
CA SER D 12 9.51 31.97 -33.08
C SER D 12 9.82 33.33 -32.45
N ARG D 13 9.94 34.38 -33.25
CA ARG D 13 10.24 35.67 -32.63
C ARG D 13 9.05 36.20 -31.84
N GLU D 14 7.84 36.06 -32.40
CA GLU D 14 6.62 36.53 -31.71
C GLU D 14 6.39 35.69 -30.47
N ILE D 15 6.58 34.38 -30.59
CA ILE D 15 6.39 33.47 -29.47
C ILE D 15 7.39 33.74 -28.37
N ASP D 16 8.66 33.92 -28.77
CA ASP D 16 9.70 34.17 -27.80
C ASP D 16 9.53 35.48 -27.05
N ALA D 17 9.07 36.51 -27.75
CA ALA D 17 8.87 37.81 -27.10
C ALA D 17 7.88 37.66 -25.94
N GLU D 18 6.74 37.02 -26.19
CA GLU D 18 5.76 36.82 -25.13
C GLU D 18 6.29 35.85 -24.07
N TYR D 19 7.01 34.83 -24.52
CA TYR D 19 7.57 33.84 -23.59
C TYR D 19 8.52 34.50 -22.61
N LEU D 20 9.40 35.35 -23.13
CA LEU D 20 10.38 36.04 -22.28
C LEU D 20 9.73 36.99 -21.28
N LYS D 21 8.70 37.73 -21.69
CA LYS D 21 8.02 38.65 -20.78
C LYS D 21 7.51 37.88 -19.58
N ILE D 22 7.01 36.67 -19.85
CA ILE D 22 6.47 35.84 -18.79
C ILE D 22 7.51 35.27 -17.85
N VAL D 23 8.49 34.53 -18.37
CA VAL D 23 9.49 33.95 -17.48
C VAL D 23 10.40 35.00 -16.88
N ARG D 24 10.54 36.13 -17.57
CA ARG D 24 11.37 37.23 -17.09
C ARG D 24 10.55 38.19 -16.20
N GLY D 25 9.24 37.99 -16.15
CA GLY D 25 8.40 38.84 -15.34
C GLY D 25 8.63 40.31 -15.62
N SER D 26 8.83 40.64 -16.89
CA SER D 26 9.10 42.02 -17.29
C SER D 26 7.88 42.84 -17.73
N ASP D 27 6.68 42.32 -17.47
CA ASP D 27 5.45 43.04 -17.82
C ASP D 27 4.32 42.56 -16.93
N PRO D 28 3.95 43.37 -15.95
CA PRO D 28 2.87 43.04 -15.01
C PRO D 28 1.62 42.60 -15.73
N ASP D 29 1.32 43.23 -16.86
CA ASP D 29 0.13 42.92 -17.64
C ASP D 29 0.19 41.61 -18.39
N THR D 30 1.39 41.06 -18.52
CA THR D 30 1.59 39.82 -19.25
C THR D 30 2.22 38.72 -18.41
N THR D 31 1.38 37.86 -17.84
CA THR D 31 1.90 36.77 -17.02
C THR D 31 1.49 35.41 -17.60
N TRP D 32 0.77 35.40 -18.72
CA TRP D 32 0.40 34.14 -19.33
C TRP D 32 0.28 34.26 -20.84
N LEU D 33 0.43 33.13 -21.51
CA LEU D 33 0.40 33.09 -22.95
C LEU D 33 -0.24 31.80 -23.43
N ILE D 34 -0.90 31.86 -24.57
CA ILE D 34 -1.50 30.70 -25.16
C ILE D 34 -1.12 30.78 -26.63
N ILE D 35 -0.45 29.75 -27.13
CA ILE D 35 -0.07 29.74 -28.54
C ILE D 35 -1.06 28.81 -29.23
N SER D 36 -1.38 29.12 -30.48
CA SER D 36 -2.37 28.35 -31.23
C SER D 36 -1.95 28.32 -32.70
N PRO D 37 -2.34 27.27 -33.43
CA PRO D 37 -2.00 27.13 -34.84
C PRO D 37 -2.79 28.05 -35.77
N ASN D 38 -2.10 28.70 -36.70
CA ASN D 38 -2.82 29.57 -37.63
C ASN D 38 -3.34 28.73 -38.79
N ALA D 39 -3.84 29.39 -39.82
CA ALA D 39 -4.38 28.69 -40.98
C ALA D 39 -3.37 27.73 -41.62
N LYS D 40 -2.11 28.14 -41.65
CA LYS D 40 -1.05 27.34 -42.24
C LYS D 40 -0.40 26.38 -41.23
N LYS D 41 -1.13 26.06 -40.16
CA LYS D 41 -0.62 25.16 -39.13
C LYS D 41 0.72 25.64 -38.54
N GLU D 42 0.83 26.94 -38.31
CA GLU D 42 2.02 27.50 -37.71
C GLU D 42 1.55 28.06 -36.38
N TYR D 43 2.25 27.73 -35.30
CA TYR D 43 1.85 28.24 -34.01
C TYR D 43 2.34 29.66 -33.80
N GLU D 44 1.49 30.46 -33.17
CA GLU D 44 1.81 31.84 -32.87
C GLU D 44 1.01 32.27 -31.64
N PRO D 45 1.39 33.39 -31.02
CA PRO D 45 0.65 33.84 -29.84
C PRO D 45 -0.81 34.10 -30.23
N GLU D 46 -1.75 33.55 -29.48
CA GLU D 46 -3.14 33.80 -29.77
C GLU D 46 -3.64 34.84 -28.77
N SER D 47 -3.28 34.65 -27.51
CA SER D 47 -3.70 35.58 -26.48
C SER D 47 -2.69 35.64 -25.33
N THR D 48 -2.77 36.74 -24.59
CA THR D 48 -1.93 36.96 -23.42
C THR D 48 -2.77 37.75 -22.41
N GLY D 49 -2.33 37.75 -21.16
CA GLY D 49 -3.06 38.47 -20.14
C GLY D 49 -2.33 38.38 -18.82
N SER D 50 -2.95 38.90 -17.76
CA SER D 50 -2.36 38.90 -16.43
C SER D 50 -3.16 38.07 -15.43
N SER D 51 -4.41 37.80 -15.74
CA SER D 51 -5.26 37.02 -14.83
C SER D 51 -5.24 35.50 -15.11
N PHE D 52 -4.78 34.74 -14.12
CA PHE D 52 -4.70 33.29 -14.20
C PHE D 52 -6.11 32.75 -14.44
N HIS D 53 -7.07 33.36 -13.77
CA HIS D 53 -8.46 32.97 -13.92
C HIS D 53 -8.87 33.06 -15.38
N ASP D 54 -8.55 34.19 -16.01
CA ASP D 54 -8.88 34.40 -17.43
C ASP D 54 -8.14 33.40 -18.32
N PHE D 55 -6.86 33.22 -18.03
CA PHE D 55 -6.01 32.30 -18.76
C PHE D 55 -6.72 30.96 -18.92
N LEU D 56 -7.17 30.40 -17.79
CA LEU D 56 -7.86 29.12 -17.78
C LEU D 56 -9.13 29.10 -18.61
N GLN D 57 -9.66 30.27 -18.96
CA GLN D 57 -10.89 30.32 -19.74
C GLN D 57 -10.67 30.75 -21.17
N LEU D 58 -9.41 30.92 -21.57
CA LEU D 58 -9.15 31.39 -22.93
C LEU D 58 -8.74 30.34 -23.97
N PHE D 59 -8.89 29.07 -23.65
CA PHE D 59 -8.54 28.02 -24.60
C PHE D 59 -9.68 27.75 -25.58
N ASP D 60 -9.32 27.50 -26.84
CA ASP D 60 -10.27 27.25 -27.92
C ASP D 60 -10.58 25.75 -27.98
N GLU D 61 -11.86 25.38 -27.89
CA GLU D 61 -12.21 23.95 -27.90
C GLU D 61 -12.09 23.30 -29.27
N THR D 62 -11.69 24.05 -30.28
CA THR D 62 -11.53 23.47 -31.61
C THR D 62 -10.06 23.38 -32.05
N LYS D 63 -9.14 23.71 -31.16
CA LYS D 63 -7.71 23.69 -31.48
C LYS D 63 -6.80 23.15 -30.38
N VAL D 64 -5.74 22.45 -30.79
CA VAL D 64 -4.77 21.97 -29.82
C VAL D 64 -3.92 23.20 -29.51
N GLN D 65 -3.78 23.53 -28.24
CA GLN D 65 -3.02 24.73 -27.90
C GLN D 65 -2.14 24.49 -26.70
N TYR D 66 -1.25 25.44 -26.43
CA TYR D 66 -0.34 25.33 -25.31
C TYR D 66 -0.28 26.65 -24.55
N GLY D 67 -0.36 26.56 -23.24
CA GLY D 67 -0.34 27.75 -22.43
C GLY D 67 0.81 27.77 -21.45
N LEU D 68 1.24 28.96 -21.09
CA LEU D 68 2.34 29.19 -20.16
C LEU D 68 1.92 30.34 -19.26
N ALA D 69 1.98 30.13 -17.95
CA ALA D 69 1.59 31.16 -17.01
C ALA D 69 2.52 31.18 -15.82
N ARG D 70 2.86 32.39 -15.37
CA ARG D 70 3.73 32.56 -14.22
C ARG D 70 2.76 32.90 -13.09
N VAL D 71 2.76 32.11 -12.03
CA VAL D 71 1.82 32.32 -10.94
C VAL D 71 2.44 32.27 -9.56
N SER D 72 1.77 32.93 -8.62
CA SER D 72 2.16 32.97 -7.22
C SER D 72 1.07 32.21 -6.46
N PRO D 73 1.35 30.96 -6.03
CA PRO D 73 0.38 30.13 -5.30
C PRO D 73 -0.36 30.91 -4.22
N PRO D 74 -1.55 30.43 -3.82
CA PRO D 74 -2.36 31.09 -2.79
C PRO D 74 -1.65 31.21 -1.44
N GLY D 75 -1.44 32.45 -1.00
CA GLY D 75 -0.77 32.69 0.26
C GLY D 75 0.73 32.50 0.19
N SER D 76 1.35 33.04 -0.86
CA SER D 76 2.79 32.92 -1.03
C SER D 76 3.36 34.13 -1.74
N ASP D 77 4.65 34.05 -2.09
CA ASP D 77 5.32 35.14 -2.79
C ASP D 77 6.05 34.60 -4.00
N VAL D 78 6.78 33.50 -3.80
CA VAL D 78 7.55 32.86 -4.86
C VAL D 78 6.64 32.59 -6.06
N GLU D 79 7.22 32.66 -7.25
CA GLU D 79 6.45 32.42 -8.46
C GLU D 79 6.91 31.19 -9.21
N LYS D 80 5.95 30.38 -9.62
CA LYS D 80 6.21 29.15 -10.36
C LYS D 80 5.62 29.22 -11.76
N ILE D 81 6.19 28.46 -12.68
CA ILE D 81 5.71 28.46 -14.07
C ILE D 81 4.94 27.19 -14.39
N ILE D 82 3.75 27.34 -14.95
CA ILE D 82 2.94 26.19 -15.32
C ILE D 82 2.67 26.19 -16.83
N ILE D 83 2.79 25.02 -17.45
CA ILE D 83 2.48 24.90 -18.86
C ILE D 83 1.29 23.97 -18.97
N ILE D 84 0.43 24.25 -19.94
CA ILE D 84 -0.75 23.45 -20.10
C ILE D 84 -0.82 22.94 -21.53
N GLY D 85 -1.01 21.64 -21.67
CA GLY D 85 -1.16 21.04 -22.99
C GLY D 85 -2.66 20.87 -23.20
N TRP D 86 -3.24 21.72 -24.04
CA TRP D 86 -4.68 21.71 -24.33
C TRP D 86 -5.00 20.93 -25.60
N CYS D 87 -5.65 19.79 -25.42
CA CYS D 87 -5.99 18.90 -26.53
C CYS D 87 -7.49 18.56 -26.48
N PRO D 88 -8.32 19.43 -27.08
CA PRO D 88 -9.78 19.22 -27.09
C PRO D 88 -10.28 18.26 -28.17
N ASP D 89 -11.38 17.58 -27.86
CA ASP D 89 -11.97 16.63 -28.77
C ASP D 89 -12.26 17.17 -30.17
N SER D 90 -12.67 18.44 -30.27
CA SER D 90 -12.99 19.00 -31.56
C SER D 90 -11.80 19.40 -32.42
N ALA D 91 -10.59 19.26 -31.89
CA ALA D 91 -9.41 19.61 -32.66
C ALA D 91 -9.23 18.49 -33.70
N PRO D 92 -8.50 18.78 -34.79
CA PRO D 92 -8.30 17.77 -35.83
C PRO D 92 -7.72 16.46 -35.29
N LEU D 93 -8.34 15.34 -35.68
CA LEU D 93 -7.89 14.02 -35.25
C LEU D 93 -6.36 13.81 -35.27
N LYS D 94 -5.72 14.10 -36.41
CA LYS D 94 -4.28 13.89 -36.52
C LYS D 94 -3.46 14.76 -35.56
N THR D 95 -3.90 15.99 -35.32
CA THR D 95 -3.16 16.84 -34.39
C THR D 95 -3.30 16.27 -32.99
N ARG D 96 -4.47 15.73 -32.67
CA ARG D 96 -4.68 15.16 -31.34
C ARG D 96 -3.84 13.91 -31.15
N ALA D 97 -3.61 13.20 -32.26
CA ALA D 97 -2.84 11.96 -32.25
C ALA D 97 -1.35 12.28 -32.12
N SER D 98 -1.00 13.55 -32.34
CA SER D 98 0.39 13.97 -32.24
C SER D 98 0.62 14.78 -30.98
N PHE D 99 -0.44 14.97 -30.18
CA PHE D 99 -0.35 15.78 -28.95
C PHE D 99 0.79 15.44 -28.00
N ALA D 100 0.84 14.20 -27.53
CA ALA D 100 1.88 13.82 -26.58
C ALA D 100 3.27 14.18 -27.12
N ALA D 101 3.50 13.89 -28.39
CA ALA D 101 4.78 14.19 -29.02
C ALA D 101 5.04 15.69 -29.04
N ASN D 102 4.06 16.46 -29.51
CA ASN D 102 4.24 17.89 -29.59
C ASN D 102 4.28 18.60 -28.24
N PHE D 103 3.56 18.07 -27.25
CA PHE D 103 3.57 18.69 -25.92
C PHE D 103 4.95 18.42 -25.34
N ALA D 104 5.47 17.21 -25.53
CA ALA D 104 6.80 16.87 -25.04
C ALA D 104 7.81 17.82 -25.66
N ALA D 105 7.65 18.09 -26.95
CA ALA D 105 8.56 18.99 -27.66
C ALA D 105 8.47 20.43 -27.15
N VAL D 106 7.24 20.95 -27.01
CA VAL D 106 7.03 22.30 -26.50
C VAL D 106 7.68 22.47 -25.13
N ALA D 107 7.45 21.49 -24.25
CA ALA D 107 7.98 21.52 -22.89
C ALA D 107 9.50 21.44 -22.82
N ASN D 108 10.13 20.69 -23.72
CA ASN D 108 11.58 20.53 -23.70
C ASN D 108 12.33 21.57 -24.52
N ASN D 109 11.74 22.03 -25.61
CA ASN D 109 12.42 22.98 -26.49
C ASN D 109 11.87 24.38 -26.58
N LEU D 110 10.64 24.59 -26.13
CA LEU D 110 10.05 25.92 -26.25
C LEU D 110 9.80 26.62 -24.91
N PHE D 111 8.87 26.09 -24.13
CA PHE D 111 8.55 26.71 -22.84
C PHE D 111 9.41 26.12 -21.74
N LYS D 112 10.73 26.23 -21.90
CA LYS D 112 11.65 25.69 -20.90
C LYS D 112 11.51 26.44 -19.57
N GLY D 113 11.80 25.75 -18.47
CA GLY D 113 11.75 26.40 -17.17
C GLY D 113 10.48 26.26 -16.35
N TYR D 114 9.51 25.52 -16.87
CA TYR D 114 8.25 25.31 -16.16
C TYR D 114 8.46 24.44 -14.93
N HIS D 115 7.60 24.62 -13.93
CA HIS D 115 7.68 23.83 -12.69
C HIS D 115 6.56 22.82 -12.64
N VAL D 116 5.46 23.13 -13.33
CA VAL D 116 4.29 22.27 -13.33
C VAL D 116 3.78 22.04 -14.74
N GLN D 117 3.47 20.79 -15.05
CA GLN D 117 2.97 20.43 -16.37
C GLN D 117 1.58 19.84 -16.24
N VAL D 118 0.66 20.28 -17.10
CA VAL D 118 -0.71 19.79 -17.03
C VAL D 118 -1.28 19.44 -18.42
N THR D 119 -2.04 18.36 -18.47
CA THR D 119 -2.70 17.93 -19.70
C THR D 119 -4.20 18.15 -19.50
N ALA D 120 -4.87 18.71 -20.49
CA ALA D 120 -6.31 18.96 -20.38
C ALA D 120 -7.02 18.79 -21.71
N ARG D 121 -8.27 18.34 -21.66
CA ARG D 121 -9.05 18.19 -22.87
C ARG D 121 -10.25 19.14 -22.84
N ASP D 122 -10.67 19.53 -21.63
CA ASP D 122 -11.78 20.49 -21.49
C ASP D 122 -11.69 21.26 -20.17
N GLU D 123 -12.59 22.22 -19.99
CA GLU D 123 -12.65 23.08 -18.81
C GLU D 123 -12.53 22.34 -17.48
N ASP D 124 -13.18 21.19 -17.37
CA ASP D 124 -13.14 20.41 -16.15
C ASP D 124 -11.74 19.97 -15.78
N ASP D 125 -10.86 19.86 -16.75
CA ASP D 125 -9.49 19.45 -16.46
C ASP D 125 -8.68 20.68 -16.04
N LEU D 126 -9.30 21.85 -16.13
CA LEU D 126 -8.63 23.10 -15.76
C LEU D 126 -9.30 23.86 -14.60
N ASP D 127 -9.64 23.15 -13.53
CA ASP D 127 -10.26 23.80 -12.37
C ASP D 127 -9.23 24.73 -11.72
N GLU D 128 -9.55 26.01 -11.64
CA GLU D 128 -8.63 26.98 -11.07
C GLU D 128 -8.01 26.59 -9.73
N ASN D 129 -8.84 26.20 -8.77
CA ASN D 129 -8.34 25.80 -7.45
C ASN D 129 -7.42 24.57 -7.51
N GLU D 130 -7.83 23.58 -8.30
CA GLU D 130 -7.02 22.38 -8.46
C GLU D 130 -5.62 22.76 -8.91
N LEU D 131 -5.54 23.48 -10.04
CA LEU D 131 -4.26 23.89 -10.56
C LEU D 131 -3.43 24.66 -9.53
N LEU D 132 -4.07 25.58 -8.82
CA LEU D 132 -3.38 26.37 -7.81
C LEU D 132 -2.75 25.48 -6.76
N MET D 133 -3.38 24.34 -6.49
CA MET D 133 -2.86 23.39 -5.51
C MET D 133 -1.72 22.61 -6.15
N LYS D 134 -1.82 22.36 -7.45
CA LYS D 134 -0.77 21.64 -8.15
C LYS D 134 0.47 22.54 -8.14
N ILE D 135 0.26 23.83 -8.33
CA ILE D 135 1.34 24.79 -8.32
C ILE D 135 1.99 24.82 -6.93
N SER D 136 1.18 24.61 -5.90
CA SER D 136 1.69 24.57 -4.53
C SER D 136 2.67 23.41 -4.38
N ASN D 137 2.47 22.37 -5.21
CA ASN D 137 3.36 21.22 -5.21
C ASN D 137 4.52 21.58 -6.16
N ALA D 138 5.18 22.69 -5.85
CA ALA D 138 6.30 23.18 -6.64
C ALA D 138 7.03 24.29 -5.89
N LEU E 3 -0.06 -0.28 26.00
CA LEU E 3 -0.40 -0.22 24.55
C LEU E 3 -1.42 -1.29 24.16
N GLU E 4 -2.07 -1.08 23.03
CA GLU E 4 -3.07 -2.00 22.50
C GLU E 4 -3.26 -1.59 21.04
N PRO E 5 -2.34 -2.02 20.17
CA PRO E 5 -2.35 -1.72 18.74
C PRO E 5 -3.71 -1.86 18.06
N ILE E 6 -3.94 -1.02 17.06
CA ILE E 6 -5.18 -1.03 16.30
C ILE E 6 -5.04 -1.88 15.05
N ASP E 7 -6.09 -2.64 14.71
CA ASP E 7 -6.08 -3.44 13.51
C ASP E 7 -7.06 -2.89 12.48
N TYR E 8 -6.52 -2.38 11.38
CA TYR E 8 -7.31 -1.85 10.30
C TYR E 8 -6.85 -2.49 9.00
N THR E 9 -6.12 -3.60 9.11
CA THR E 9 -5.65 -4.31 7.93
C THR E 9 -6.44 -5.59 7.71
N THR E 10 -7.04 -6.10 8.78
CA THR E 10 -7.84 -7.32 8.68
C THR E 10 -8.99 -7.09 7.70
N HIS E 11 -9.60 -5.91 7.77
CA HIS E 11 -10.70 -5.56 6.88
C HIS E 11 -10.29 -4.44 5.93
N SER E 12 -9.01 -4.40 5.60
CA SER E 12 -8.48 -3.39 4.72
C SER E 12 -9.25 -3.30 3.40
N ARG E 13 -9.83 -4.41 2.97
CA ARG E 13 -10.58 -4.39 1.72
C ARG E 13 -11.80 -3.49 1.84
N GLU E 14 -12.55 -3.66 2.93
CA GLU E 14 -13.76 -2.87 3.15
C GLU E 14 -13.45 -1.41 3.47
N ILE E 15 -12.51 -1.21 4.38
CA ILE E 15 -12.13 0.14 4.77
C ILE E 15 -11.57 0.95 3.61
N ASP E 16 -10.61 0.38 2.88
CA ASP E 16 -9.98 1.08 1.76
C ASP E 16 -10.93 1.45 0.64
N ALA E 17 -11.90 0.59 0.36
CA ALA E 17 -12.87 0.85 -0.69
C ALA E 17 -13.66 2.14 -0.37
N GLU E 18 -14.12 2.27 0.87
CA GLU E 18 -14.87 3.45 1.27
C GLU E 18 -13.94 4.65 1.33
N TYR E 19 -12.74 4.42 1.83
CA TYR E 19 -11.75 5.48 1.94
C TYR E 19 -11.48 6.13 0.59
N LEU E 20 -11.22 5.31 -0.42
CA LEU E 20 -10.95 5.83 -1.76
C LEU E 20 -12.13 6.59 -2.37
N LYS E 21 -13.35 6.11 -2.12
CA LYS E 21 -14.53 6.79 -2.65
C LYS E 21 -14.54 8.22 -2.10
N ILE E 22 -14.21 8.35 -0.83
CA ILE E 22 -14.20 9.65 -0.18
C ILE E 22 -13.10 10.59 -0.66
N VAL E 23 -11.85 10.16 -0.63
CA VAL E 23 -10.77 11.03 -1.08
C VAL E 23 -10.79 11.34 -2.59
N ARG E 24 -11.47 10.51 -3.37
CA ARG E 24 -11.56 10.75 -4.81
C ARG E 24 -12.86 11.46 -5.17
N GLY E 25 -13.80 11.52 -4.24
CA GLY E 25 -15.07 12.16 -4.51
C GLY E 25 -15.76 11.49 -5.68
N SER E 26 -15.64 10.17 -5.76
CA SER E 26 -16.23 9.41 -6.86
C SER E 26 -17.70 9.01 -6.69
N ASP E 27 -18.24 9.19 -5.49
CA ASP E 27 -19.62 8.81 -5.22
C ASP E 27 -20.30 9.86 -4.34
N PRO E 28 -21.25 10.61 -4.90
CA PRO E 28 -21.97 11.67 -4.17
C PRO E 28 -22.81 11.18 -3.00
N ASP E 29 -23.00 9.87 -2.91
CA ASP E 29 -23.78 9.27 -1.83
C ASP E 29 -22.87 8.86 -0.67
N THR E 30 -21.56 8.86 -0.93
CA THR E 30 -20.58 8.48 0.08
C THR E 30 -19.52 9.58 0.17
N THR E 31 -19.64 10.43 1.19
CA THR E 31 -18.69 11.52 1.38
C THR E 31 -18.06 11.45 2.77
N TRP E 32 -18.58 10.55 3.61
CA TRP E 32 -18.00 10.37 4.92
C TRP E 32 -18.04 8.91 5.33
N LEU E 33 -17.21 8.58 6.30
CA LEU E 33 -17.07 7.22 6.79
C LEU E 33 -16.61 7.21 8.23
N ILE E 34 -17.09 6.24 8.99
CA ILE E 34 -16.67 6.08 10.36
C ILE E 34 -16.27 4.62 10.51
N ILE E 35 -15.09 4.36 11.03
CA ILE E 35 -14.68 2.97 11.24
C ILE E 35 -14.77 2.74 12.74
N SER E 36 -15.17 1.53 13.13
CA SER E 36 -15.36 1.21 14.55
C SER E 36 -14.90 -0.22 14.86
N PRO E 37 -14.51 -0.51 16.11
CA PRO E 37 -14.08 -1.87 16.43
C PRO E 37 -15.23 -2.85 16.59
N ASN E 38 -15.14 -4.01 15.94
CA ASN E 38 -16.21 -5.01 16.09
C ASN E 38 -15.98 -5.81 17.38
N ALA E 39 -16.77 -6.86 17.58
CA ALA E 39 -16.66 -7.70 18.77
C ALA E 39 -15.24 -8.26 18.97
N LYS E 40 -14.52 -8.46 17.87
CA LYS E 40 -13.16 -8.99 17.94
C LYS E 40 -12.09 -7.91 17.91
N LYS E 41 -12.46 -6.69 18.30
CA LYS E 41 -11.53 -5.56 18.32
C LYS E 41 -10.91 -5.27 16.96
N GLU E 42 -11.60 -5.64 15.89
CA GLU E 42 -11.11 -5.38 14.54
C GLU E 42 -11.90 -4.20 13.98
N TYR E 43 -11.20 -3.18 13.48
CA TYR E 43 -11.89 -2.04 12.91
C TYR E 43 -12.45 -2.35 11.54
N GLU E 44 -13.62 -1.80 11.27
CA GLU E 44 -14.26 -1.97 9.97
C GLU E 44 -15.28 -0.85 9.80
N PRO E 45 -15.79 -0.66 8.58
CA PRO E 45 -16.76 0.42 8.34
C PRO E 45 -18.01 0.21 9.20
N GLU E 46 -18.41 1.23 9.94
CA GLU E 46 -19.61 1.10 10.77
C GLU E 46 -20.76 1.85 10.11
N SER E 47 -20.45 2.98 9.50
CA SER E 47 -21.47 3.77 8.82
C SER E 47 -20.84 4.74 7.83
N THR E 48 -21.61 5.14 6.83
CA THR E 48 -21.19 6.07 5.80
C THR E 48 -22.41 6.91 5.49
N GLY E 49 -22.23 7.95 4.68
CA GLY E 49 -23.33 8.82 4.31
C GLY E 49 -22.84 9.96 3.42
N SER E 50 -23.66 10.99 3.26
CA SER E 50 -23.28 12.12 2.43
C SER E 50 -23.50 13.45 3.12
N SER E 51 -24.19 13.42 4.26
CA SER E 51 -24.46 14.63 5.03
C SER E 51 -23.46 14.80 6.18
N PHE E 52 -22.72 15.90 6.16
CA PHE E 52 -21.72 16.20 7.19
C PHE E 52 -22.42 16.30 8.54
N HIS E 53 -23.58 16.95 8.56
CA HIS E 53 -24.35 17.11 9.78
C HIS E 53 -24.67 15.76 10.39
N ASP E 54 -25.07 14.80 9.55
CA ASP E 54 -25.40 13.46 10.01
C ASP E 54 -24.12 12.79 10.53
N PHE E 55 -23.04 12.94 9.78
CA PHE E 55 -21.74 12.39 10.14
C PHE E 55 -21.40 12.67 11.61
N LEU E 56 -21.40 13.96 11.96
CA LEU E 56 -21.07 14.38 13.31
C LEU E 56 -21.94 13.80 14.41
N GLN E 57 -23.09 13.26 14.06
CA GLN E 57 -23.98 12.69 15.08
C GLN E 57 -24.00 11.18 15.08
N LEU E 58 -23.14 10.56 14.26
CA LEU E 58 -23.10 9.12 14.17
C LEU E 58 -22.02 8.41 14.95
N PHE E 59 -21.36 9.12 15.86
CA PHE E 59 -20.30 8.52 16.66
C PHE E 59 -20.86 7.83 17.89
N ASP E 60 -20.22 6.72 18.28
CA ASP E 60 -20.62 5.91 19.41
C ASP E 60 -19.88 6.30 20.69
N GLU E 61 -20.67 6.70 21.69
CA GLU E 61 -20.20 7.13 22.98
C GLU E 61 -19.46 6.05 23.79
N THR E 62 -19.54 4.80 23.33
CA THR E 62 -18.90 3.72 24.07
C THR E 62 -17.69 3.11 23.37
N LYS E 63 -17.32 3.64 22.21
CA LYS E 63 -16.19 3.11 21.46
C LYS E 63 -15.28 4.17 20.84
N VAL E 64 -13.98 3.85 20.77
CA VAL E 64 -13.03 4.75 20.16
C VAL E 64 -13.23 4.54 18.67
N GLN E 65 -13.49 5.62 17.94
CA GLN E 65 -13.73 5.51 16.51
C GLN E 65 -12.96 6.52 15.67
N TYR E 66 -12.93 6.30 14.36
CA TYR E 66 -12.25 7.23 13.47
C TYR E 66 -13.16 7.62 12.32
N GLY E 67 -13.30 8.93 12.12
CA GLY E 67 -14.13 9.43 11.07
C GLY E 67 -13.36 10.14 9.97
N LEU E 68 -13.86 10.01 8.76
CA LEU E 68 -13.23 10.64 7.60
C LEU E 68 -14.35 11.21 6.75
N ALA E 69 -14.26 12.48 6.41
CA ALA E 69 -15.29 13.12 5.59
C ALA E 69 -14.71 14.12 4.63
N ARG E 70 -15.29 14.17 3.44
CA ARG E 70 -14.91 15.10 2.40
C ARG E 70 -16.01 16.16 2.48
N VAL E 71 -15.63 17.39 2.77
CA VAL E 71 -16.62 18.45 2.90
C VAL E 71 -16.22 19.74 2.23
N SER E 72 -17.22 20.43 1.71
CA SER E 72 -17.03 21.69 1.03
C SER E 72 -17.52 22.83 1.91
N PRO E 73 -16.59 23.62 2.48
CA PRO E 73 -16.90 24.76 3.35
C PRO E 73 -18.10 25.57 2.87
N PRO E 74 -18.77 26.28 3.81
CA PRO E 74 -19.95 27.12 3.55
C PRO E 74 -19.94 27.97 2.27
N GLY E 75 -19.00 28.90 2.17
CA GLY E 75 -18.92 29.73 0.98
C GLY E 75 -17.78 29.31 0.09
N SER E 76 -17.77 28.03 -0.30
CA SER E 76 -16.72 27.49 -1.14
C SER E 76 -17.21 26.29 -1.94
N ASP E 77 -16.50 25.97 -3.02
CA ASP E 77 -16.83 24.84 -3.87
C ASP E 77 -15.70 23.82 -3.74
N VAL E 78 -14.63 24.25 -3.08
CA VAL E 78 -13.47 23.41 -2.85
C VAL E 78 -13.79 22.45 -1.71
N GLU E 79 -13.41 21.19 -1.89
CA GLU E 79 -13.67 20.17 -0.88
C GLU E 79 -12.40 19.82 -0.12
N LYS E 80 -12.52 19.83 1.20
CA LYS E 80 -11.40 19.49 2.07
C LYS E 80 -11.72 18.17 2.75
N ILE E 81 -10.70 17.53 3.28
CA ILE E 81 -10.92 16.28 3.96
C ILE E 81 -10.55 16.38 5.42
N ILE E 82 -11.48 15.99 6.29
CA ILE E 82 -11.23 16.01 7.72
C ILE E 82 -11.26 14.61 8.30
N ILE E 83 -10.38 14.35 9.27
CA ILE E 83 -10.36 13.06 9.95
C ILE E 83 -10.61 13.36 11.41
N ILE E 84 -11.43 12.52 12.03
CA ILE E 84 -11.75 12.72 13.42
C ILE E 84 -11.33 11.56 14.28
N GLY E 85 -10.65 11.89 15.37
CA GLY E 85 -10.21 10.88 16.32
C GLY E 85 -11.21 10.99 17.46
N TRP E 86 -12.13 10.03 17.54
CA TRP E 86 -13.18 10.01 18.56
C TRP E 86 -12.83 9.06 19.70
N CYS E 87 -12.53 9.65 20.85
CA CYS E 87 -12.15 8.88 22.03
C CYS E 87 -13.02 9.30 23.21
N PRO E 88 -14.21 8.67 23.35
CA PRO E 88 -15.15 8.98 24.43
C PRO E 88 -14.78 8.38 25.78
N ASP E 89 -15.18 9.07 26.85
CA ASP E 89 -14.90 8.63 28.20
C ASP E 89 -15.42 7.22 28.49
N SER E 90 -16.54 6.86 27.89
CA SER E 90 -17.13 5.54 28.13
C SER E 90 -16.50 4.40 27.32
N ALA E 91 -15.36 4.67 26.69
CA ALA E 91 -14.69 3.62 25.95
C ALA E 91 -13.79 2.93 26.98
N PRO E 92 -13.45 1.66 26.75
CA PRO E 92 -12.59 0.96 27.71
C PRO E 92 -11.31 1.75 27.99
N LEU E 93 -10.86 1.69 29.24
CA LEU E 93 -9.66 2.38 29.69
C LEU E 93 -8.45 2.15 28.78
N LYS E 94 -8.17 0.88 28.48
CA LYS E 94 -7.04 0.50 27.63
C LYS E 94 -7.11 1.10 26.25
N THR E 95 -8.30 1.10 25.65
CA THR E 95 -8.42 1.64 24.32
C THR E 95 -8.22 3.16 24.33
N ARG E 96 -8.65 3.82 25.41
CA ARG E 96 -8.46 5.25 25.55
C ARG E 96 -6.97 5.58 25.73
N ALA E 97 -6.25 4.69 26.42
CA ALA E 97 -4.83 4.90 26.67
C ALA E 97 -3.99 4.72 25.42
N SER E 98 -4.49 3.94 24.46
CA SER E 98 -3.79 3.68 23.20
C SER E 98 -4.26 4.59 22.07
N PHE E 99 -5.22 5.45 22.35
CA PHE E 99 -5.79 6.35 21.33
C PHE E 99 -4.81 7.23 20.55
N ALA E 100 -4.00 8.00 21.26
CA ALA E 100 -3.04 8.88 20.59
C ALA E 100 -2.19 8.08 19.59
N ALA E 101 -1.66 6.96 20.03
CA ALA E 101 -0.85 6.10 19.17
C ALA E 101 -1.65 5.52 18.00
N ASN E 102 -2.86 5.03 18.27
CA ASN E 102 -3.68 4.47 17.20
C ASN E 102 -4.14 5.55 16.23
N PHE E 103 -4.49 6.71 16.76
CA PHE E 103 -4.94 7.81 15.92
C PHE E 103 -3.81 8.24 14.97
N ALA E 104 -2.59 8.30 15.50
CA ALA E 104 -1.43 8.68 14.69
C ALA E 104 -1.24 7.63 13.60
N ALA E 105 -1.47 6.37 13.94
CA ALA E 105 -1.33 5.31 12.96
C ALA E 105 -2.35 5.45 11.84
N VAL E 106 -3.61 5.71 12.21
CA VAL E 106 -4.67 5.85 11.22
C VAL E 106 -4.38 7.06 10.31
N ALA E 107 -4.05 8.18 10.92
CA ALA E 107 -3.76 9.41 10.18
C ALA E 107 -2.58 9.27 9.20
N ASN E 108 -1.55 8.54 9.61
CA ASN E 108 -0.38 8.38 8.75
C ASN E 108 -0.38 7.16 7.79
N ASN E 109 -1.13 6.11 8.12
CA ASN E 109 -1.14 4.93 7.27
C ASN E 109 -2.47 4.56 6.62
N LEU E 110 -3.57 4.86 7.28
CA LEU E 110 -4.89 4.52 6.75
C LEU E 110 -5.57 5.65 6.01
N PHE E 111 -5.95 6.70 6.74
CA PHE E 111 -6.65 7.83 6.15
C PHE E 111 -5.70 8.96 5.71
N LYS E 112 -4.70 8.63 4.92
CA LYS E 112 -3.74 9.64 4.45
C LYS E 112 -4.37 10.60 3.46
N GLY E 113 -3.87 11.83 3.47
CA GLY E 113 -4.39 12.82 2.54
C GLY E 113 -5.43 13.74 3.14
N TYR E 114 -5.62 13.65 4.45
CA TYR E 114 -6.58 14.52 5.12
C TYR E 114 -5.97 15.92 5.19
N HIS E 115 -6.81 16.94 5.36
CA HIS E 115 -6.33 18.31 5.45
C HIS E 115 -6.50 18.83 6.87
N VAL E 116 -7.53 18.36 7.54
CA VAL E 116 -7.81 18.79 8.90
C VAL E 116 -7.93 17.58 9.82
N GLN E 117 -7.27 17.66 10.97
CA GLN E 117 -7.29 16.58 11.95
C GLN E 117 -7.96 17.10 13.21
N VAL E 118 -8.88 16.31 13.76
CA VAL E 118 -9.58 16.72 14.98
C VAL E 118 -9.68 15.57 15.98
N THR E 119 -9.38 15.89 17.24
CA THR E 119 -9.49 14.93 18.34
C THR E 119 -10.74 15.34 19.13
N ALA E 120 -11.67 14.41 19.30
CA ALA E 120 -12.90 14.70 20.03
C ALA E 120 -13.20 13.69 21.14
N ARG E 121 -13.77 14.17 22.22
CA ARG E 121 -14.10 13.30 23.34
C ARG E 121 -15.63 13.14 23.40
N ASP E 122 -16.36 14.18 23.05
CA ASP E 122 -17.83 14.09 23.03
C ASP E 122 -18.42 15.03 21.99
N GLU E 123 -19.75 15.04 21.90
CA GLU E 123 -20.48 15.85 20.95
C GLU E 123 -20.03 17.33 20.92
N ASP E 124 -19.77 17.89 22.08
CA ASP E 124 -19.36 19.29 22.13
C ASP E 124 -18.02 19.56 21.44
N ASP E 125 -17.30 18.51 21.07
CA ASP E 125 -16.04 18.69 20.36
C ASP E 125 -16.34 18.53 18.88
N LEU E 126 -17.56 18.08 18.59
CA LEU E 126 -17.99 17.88 17.21
C LEU E 126 -19.00 18.94 16.78
N ASP E 127 -18.82 20.17 17.26
CA ASP E 127 -19.72 21.25 16.90
C ASP E 127 -19.61 21.51 15.39
N GLU E 128 -20.72 21.30 14.68
CA GLU E 128 -20.73 21.47 13.23
C GLU E 128 -20.16 22.80 12.73
N ASN E 129 -20.63 23.91 13.33
CA ASN E 129 -20.15 25.22 12.93
C ASN E 129 -18.66 25.37 13.25
N GLU E 130 -18.27 24.96 14.44
CA GLU E 130 -16.87 25.06 14.86
C GLU E 130 -15.96 24.32 13.87
N LEU E 131 -16.39 23.14 13.45
CA LEU E 131 -15.61 22.33 12.52
C LEU E 131 -15.57 22.89 11.10
N LEU E 132 -16.72 23.31 10.58
CA LEU E 132 -16.77 23.87 9.23
C LEU E 132 -15.80 25.03 9.15
N MET E 133 -15.71 25.77 10.24
CA MET E 133 -14.83 26.91 10.36
C MET E 133 -13.37 26.52 10.06
N LYS E 134 -12.92 25.47 10.73
CA LYS E 134 -11.55 24.97 10.57
C LYS E 134 -11.32 24.41 9.18
N ILE E 135 -12.39 24.01 8.51
CA ILE E 135 -12.32 23.45 7.16
C ILE E 135 -12.26 24.54 6.08
N SER E 136 -12.80 25.71 6.40
CA SER E 136 -12.80 26.83 5.46
C SER E 136 -11.39 27.38 5.28
N ASN E 137 -10.46 26.88 6.08
CA ASN E 137 -9.09 27.33 6.02
C ASN E 137 -8.15 26.16 5.72
N ALA E 138 -8.00 25.86 4.43
CA ALA E 138 -7.14 24.77 3.98
C ALA E 138 -7.22 24.65 2.47
N ALA F 2 -12.87 12.77 32.92
CA ALA F 2 -11.56 12.11 32.70
C ALA F 2 -10.90 11.76 34.03
N LEU F 3 -10.25 10.59 34.07
CA LEU F 3 -9.58 10.14 35.28
C LEU F 3 -8.64 11.21 35.81
N GLU F 4 -8.09 12.01 34.91
CA GLU F 4 -7.16 13.04 35.31
C GLU F 4 -7.40 14.31 34.51
N PRO F 5 -8.48 15.04 34.82
CA PRO F 5 -8.72 16.28 34.08
C PRO F 5 -7.50 17.18 34.19
N ILE F 6 -7.16 17.85 33.09
CA ILE F 6 -5.98 18.71 33.07
C ILE F 6 -6.16 19.99 33.87
N ASP F 7 -5.07 20.41 34.52
CA ASP F 7 -5.06 21.64 35.29
C ASP F 7 -4.11 22.63 34.62
N TYR F 8 -4.67 23.59 33.89
CA TYR F 8 -3.84 24.60 33.23
C TYR F 8 -4.26 25.98 33.71
N THR F 9 -4.86 26.03 34.90
CA THR F 9 -5.32 27.28 35.48
C THR F 9 -4.51 27.69 36.69
N THR F 10 -4.14 26.72 37.52
CA THR F 10 -3.35 27.01 38.71
C THR F 10 -2.12 27.85 38.33
N HIS F 11 -1.65 27.69 37.10
CA HIS F 11 -0.49 28.43 36.60
C HIS F 11 -0.83 29.11 35.27
N SER F 12 -2.06 29.56 35.14
CA SER F 12 -2.54 30.22 33.94
C SER F 12 -1.75 31.48 33.62
N ARG F 13 -1.31 32.19 34.65
CA ARG F 13 -0.58 33.44 34.43
C ARG F 13 0.64 33.17 33.56
N GLU F 14 1.48 32.21 33.98
CA GLU F 14 2.69 31.87 33.23
C GLU F 14 2.37 31.32 31.85
N ILE F 15 1.36 30.44 31.75
CA ILE F 15 0.98 29.85 30.48
C ILE F 15 0.41 30.85 29.49
N ASP F 16 -0.55 31.66 29.94
CA ASP F 16 -1.17 32.63 29.05
C ASP F 16 -0.16 33.66 28.54
N ALA F 17 0.77 34.05 29.39
CA ALA F 17 1.79 35.03 29.01
C ALA F 17 2.56 34.51 27.79
N GLU F 18 3.12 33.30 27.90
CA GLU F 18 3.86 32.72 26.78
C GLU F 18 2.92 32.51 25.58
N TYR F 19 1.69 32.10 25.86
CA TYR F 19 0.70 31.85 24.81
C TYR F 19 0.43 33.11 24.00
N LEU F 20 0.23 34.23 24.69
CA LEU F 20 -0.02 35.49 23.98
C LEU F 20 1.18 35.92 23.14
N LYS F 21 2.40 35.69 23.63
CA LYS F 21 3.58 36.07 22.86
C LYS F 21 3.59 35.35 21.52
N ILE F 22 3.25 34.08 21.54
CA ILE F 22 3.24 33.27 20.33
C ILE F 22 2.13 33.60 19.32
N VAL F 23 0.89 33.64 19.76
CA VAL F 23 -0.21 33.94 18.82
C VAL F 23 -0.12 35.36 18.29
N ARG F 24 0.40 36.28 19.10
CA ARG F 24 0.54 37.67 18.67
C ARG F 24 1.82 37.88 17.88
N GLY F 25 2.79 36.97 18.05
CA GLY F 25 4.06 37.11 17.34
C GLY F 25 4.71 38.39 17.80
N SER F 26 4.67 38.64 19.11
CA SER F 26 5.25 39.86 19.67
C SER F 26 6.67 39.73 20.21
N ASP F 27 7.27 38.56 20.07
CA ASP F 27 8.64 38.35 20.57
C ASP F 27 9.39 37.34 19.70
N PRO F 28 10.30 37.81 18.85
CA PRO F 28 11.03 36.86 18.00
C PRO F 28 11.80 35.75 18.75
N ASP F 29 12.07 35.92 20.03
CA ASP F 29 12.78 34.89 20.80
C ASP F 29 11.84 33.80 21.29
N THR F 30 10.54 34.10 21.29
CA THR F 30 9.56 33.11 21.76
C THR F 30 8.52 32.83 20.68
N THR F 31 8.74 31.78 19.89
CA THR F 31 7.79 31.44 18.86
C THR F 31 7.18 30.07 19.09
N TRP F 32 7.58 29.43 20.19
CA TRP F 32 7.02 28.13 20.53
C TRP F 32 7.05 27.91 22.04
N LEU F 33 6.18 27.02 22.50
CA LEU F 33 6.05 26.71 23.91
C LEU F 33 5.60 25.28 24.12
N ILE F 34 5.97 24.71 25.26
CA ILE F 34 5.56 23.37 25.59
C ILE F 34 5.16 23.42 27.06
N ILE F 35 3.97 22.91 27.36
CA ILE F 35 3.54 22.89 28.74
C ILE F 35 3.59 21.44 29.21
N SER F 36 3.98 21.26 30.45
CA SER F 36 4.13 19.93 31.02
C SER F 36 3.64 19.95 32.46
N PRO F 37 3.28 18.78 32.99
CA PRO F 37 2.79 18.67 34.38
C PRO F 37 3.89 18.64 35.42
N ASN F 38 3.73 19.44 36.47
CA ASN F 38 4.73 19.45 37.55
C ASN F 38 4.41 18.33 38.53
N ALA F 39 5.16 18.27 39.62
CA ALA F 39 4.99 17.24 40.64
C ALA F 39 3.55 17.14 41.15
N LYS F 40 2.86 18.27 41.22
CA LYS F 40 1.49 18.27 41.70
C LYS F 40 0.47 18.12 40.57
N LYS F 41 0.91 17.57 39.44
CA LYS F 41 0.01 17.37 38.30
C LYS F 41 -0.62 18.67 37.82
N GLU F 42 0.14 19.76 37.90
CA GLU F 42 -0.34 21.06 37.45
C GLU F 42 0.49 21.44 36.23
N TYR F 43 -0.17 21.83 35.15
CA TYR F 43 0.56 22.19 33.94
C TYR F 43 1.12 23.60 33.99
N GLU F 44 2.35 23.74 33.53
CA GLU F 44 3.02 25.03 33.47
C GLU F 44 4.02 25.00 32.33
N PRO F 45 4.49 26.17 31.87
CA PRO F 45 5.46 26.15 30.78
C PRO F 45 6.72 25.40 31.16
N GLU F 46 7.22 24.57 30.26
CA GLU F 46 8.45 23.84 30.55
C GLU F 46 9.60 24.41 29.74
N SER F 47 9.30 24.85 28.52
CA SER F 47 10.33 25.42 27.67
C SER F 47 9.73 26.27 26.57
N THR F 48 10.50 27.23 26.09
CA THR F 48 10.08 28.09 25.01
C THR F 48 11.32 28.31 24.17
N GLY F 49 11.15 28.76 22.94
CA GLY F 49 12.29 29.00 22.06
C GLY F 49 11.82 29.67 20.79
N SER F 50 12.72 29.78 19.82
CA SER F 50 12.40 30.41 18.55
C SER F 50 12.62 29.46 17.38
N SER F 51 13.36 28.39 17.61
CA SER F 51 13.64 27.43 16.53
C SER F 51 12.61 26.29 16.49
N PHE F 52 11.88 26.20 15.39
CA PHE F 52 10.86 25.15 15.23
C PHE F 52 11.58 23.82 15.30
N HIS F 53 12.78 23.78 14.77
CA HIS F 53 13.60 22.57 14.78
C HIS F 53 13.85 22.12 16.21
N ASP F 54 14.19 23.06 17.09
CA ASP F 54 14.45 22.73 18.50
C ASP F 54 13.16 22.34 19.21
N PHE F 55 12.06 23.00 18.84
CA PHE F 55 10.75 22.74 19.43
C PHE F 55 10.39 21.26 19.34
N LEU F 56 10.48 20.72 18.12
CA LEU F 56 10.16 19.33 17.85
C LEU F 56 11.05 18.32 18.57
N GLN F 57 12.15 18.78 19.15
CA GLN F 57 13.05 17.88 19.86
C GLN F 57 12.98 18.09 21.36
N LEU F 58 12.04 18.92 21.81
CA LEU F 58 11.96 19.21 23.23
C LEU F 58 10.87 18.53 24.02
N PHE F 59 10.23 17.51 23.45
CA PHE F 59 9.19 16.79 24.16
C PHE F 59 9.78 15.65 25.00
N ASP F 60 9.13 15.38 26.13
CA ASP F 60 9.52 14.36 27.09
C ASP F 60 8.75 13.05 26.90
N GLU F 61 9.49 11.96 26.65
CA GLU F 61 8.91 10.64 26.43
C GLU F 61 8.10 10.07 27.59
N THR F 62 8.18 10.71 28.75
CA THR F 62 7.46 10.20 29.92
C THR F 62 6.29 11.05 30.37
N LYS F 63 6.02 12.14 29.67
CA LYS F 63 4.92 13.02 30.06
C LYS F 63 4.00 13.44 28.91
N VAL F 64 2.72 13.57 29.20
CA VAL F 64 1.75 14.05 28.22
C VAL F 64 2.00 15.55 28.25
N GLN F 65 2.21 16.13 27.07
CA GLN F 65 2.50 17.56 27.01
C GLN F 65 1.81 18.18 25.81
N TYR F 66 1.82 19.51 25.79
CA TYR F 66 1.22 20.25 24.70
C TYR F 66 2.13 21.34 24.26
N GLY F 67 2.30 21.44 22.94
CA GLY F 67 3.16 22.45 22.39
C GLY F 67 2.35 23.38 21.51
N LEU F 68 2.84 24.60 21.33
CA LEU F 68 2.19 25.60 20.52
C LEU F 68 3.34 26.31 19.81
N ALA F 69 3.27 26.38 18.47
CA ALA F 69 4.35 27.02 17.71
C ALA F 69 3.86 27.85 16.52
N ARG F 70 4.41 29.05 16.40
CA ARG F 70 4.10 29.95 15.32
C ARG F 70 5.19 29.69 14.30
N VAL F 71 4.84 29.45 13.05
CA VAL F 71 5.85 29.18 12.07
C VAL F 71 5.37 29.46 10.65
N SER F 72 6.31 29.71 9.75
CA SER F 72 5.98 30.00 8.36
C SER F 72 6.59 28.93 7.46
N PRO F 73 5.77 28.35 6.57
CA PRO F 73 6.22 27.32 5.63
C PRO F 73 7.50 27.70 4.90
N PRO F 74 8.09 26.77 4.16
CA PRO F 74 9.33 27.03 3.41
C PRO F 74 9.08 27.93 2.21
N GLY F 75 7.85 27.93 1.73
CA GLY F 75 7.49 28.75 0.59
C GLY F 75 7.25 30.20 0.94
N SER F 76 6.04 30.49 1.43
CA SER F 76 5.66 31.84 1.81
C SER F 76 6.19 32.26 3.17
N ASP F 77 5.75 33.44 3.62
CA ASP F 77 6.16 33.93 4.93
C ASP F 77 4.95 34.15 5.84
N VAL F 78 3.83 33.54 5.48
CA VAL F 78 2.62 33.62 6.29
C VAL F 78 2.91 32.85 7.58
N GLU F 79 2.54 33.43 8.72
CA GLU F 79 2.76 32.80 10.01
C GLU F 79 1.51 32.03 10.42
N LYS F 80 1.67 30.73 10.65
CA LYS F 80 0.56 29.88 11.07
C LYS F 80 0.84 29.26 12.43
N ILE F 81 -0.22 28.96 13.17
CA ILE F 81 -0.09 28.39 14.51
C ILE F 81 -0.38 26.89 14.53
N ILE F 82 0.55 26.12 15.09
CA ILE F 82 0.36 24.68 15.20
C ILE F 82 0.40 24.22 16.66
N ILE F 83 -0.56 23.38 17.04
CA ILE F 83 -0.58 22.85 18.39
C ILE F 83 -0.29 21.37 18.27
N ILE F 84 0.38 20.83 19.27
CA ILE F 84 0.73 19.43 19.26
C ILE F 84 0.29 18.78 20.54
N GLY F 85 -0.46 17.69 20.40
CA GLY F 85 -0.91 16.95 21.55
C GLY F 85 0.03 15.76 21.68
N TRP F 86 1.01 15.88 22.58
CA TRP F 86 2.02 14.84 22.79
C TRP F 86 1.61 13.85 23.88
N CYS F 87 1.37 12.61 23.46
CA CYS F 87 0.95 11.54 24.36
C CYS F 87 1.83 10.32 24.13
N PRO F 88 3.01 10.26 24.78
CA PRO F 88 3.97 9.15 24.66
C PRO F 88 3.58 7.89 25.41
N ASP F 89 3.94 6.73 24.87
CA ASP F 89 3.62 5.46 25.50
C ASP F 89 4.06 5.35 26.95
N SER F 90 5.20 5.96 27.28
CA SER F 90 5.72 5.89 28.64
C SER F 90 4.99 6.77 29.65
N ALA F 91 4.11 7.63 29.16
CA ALA F 91 3.37 8.49 30.10
C ALA F 91 2.48 7.56 30.93
N PRO F 92 2.11 7.98 32.14
CA PRO F 92 1.26 7.14 32.99
C PRO F 92 -0.02 6.73 32.25
N LEU F 93 -0.47 5.51 32.52
CA LEU F 93 -1.67 4.95 31.90
C LEU F 93 -2.93 5.82 32.05
N LYS F 94 -3.17 6.37 33.23
CA LYS F 94 -4.36 7.18 33.45
C LYS F 94 -4.32 8.53 32.73
N THR F 95 -3.11 9.09 32.58
CA THR F 95 -2.99 10.37 31.91
C THR F 95 -3.17 10.13 30.40
N ARG F 96 -2.69 9.00 29.91
CA ARG F 96 -2.85 8.69 28.50
C ARG F 96 -4.32 8.47 28.19
N ALA F 97 -5.04 7.89 29.15
CA ALA F 97 -6.47 7.60 28.98
C ALA F 97 -7.32 8.86 29.05
N SER F 98 -6.74 9.96 29.50
CA SER F 98 -7.47 11.22 29.58
C SER F 98 -6.95 12.20 28.54
N PHE F 99 -6.02 11.74 27.71
CA PHE F 99 -5.43 12.60 26.68
C PHE F 99 -6.42 13.24 25.70
N ALA F 100 -7.29 12.42 25.11
CA ALA F 100 -8.26 12.94 24.16
C ALA F 100 -9.13 14.04 24.80
N ALA F 101 -9.53 13.83 26.04
CA ALA F 101 -10.36 14.80 26.74
C ALA F 101 -9.57 16.06 27.07
N ASN F 102 -8.37 15.87 27.58
CA ASN F 102 -7.52 17.00 27.94
C ASN F 102 -6.99 17.77 26.73
N PHE F 103 -6.69 17.07 25.65
CA PHE F 103 -6.18 17.75 24.46
C PHE F 103 -7.31 18.60 23.89
N ALA F 104 -8.53 18.07 23.91
CA ALA F 104 -9.67 18.81 23.39
C ALA F 104 -9.83 20.10 24.19
N ALA F 105 -9.73 19.99 25.51
CA ALA F 105 -9.85 21.13 26.39
C ALA F 105 -8.77 22.18 26.10
N VAL F 106 -7.52 21.73 26.02
CA VAL F 106 -6.41 22.62 25.73
C VAL F 106 -6.67 23.37 24.42
N ALA F 107 -7.03 22.62 23.39
CA ALA F 107 -7.30 23.19 22.07
C ALA F 107 -8.46 24.17 22.02
N ASN F 108 -9.51 23.92 22.80
CA ASN F 108 -10.67 24.80 22.78
C ASN F 108 -10.70 25.91 23.80
N ASN F 109 -10.03 25.72 24.94
CA ASN F 109 -10.05 26.72 26.00
C ASN F 109 -8.70 27.34 26.34
N LEU F 110 -7.59 26.74 25.91
CA LEU F 110 -6.29 27.30 26.25
C LEU F 110 -5.55 27.87 25.05
N PHE F 111 -5.11 27.01 24.15
CA PHE F 111 -4.36 27.43 22.98
C PHE F 111 -5.28 27.73 21.79
N LYS F 112 -6.26 28.59 22.00
CA LYS F 112 -7.19 28.95 20.93
C LYS F 112 -6.47 29.74 19.85
N GLY F 113 -6.92 29.61 18.62
CA GLY F 113 -6.30 30.35 17.54
C GLY F 113 -5.31 29.53 16.72
N TYR F 114 -5.22 28.24 17.00
CA TYR F 114 -4.30 27.41 16.23
C TYR F 114 -4.90 27.17 14.84
N HIS F 115 -4.04 26.90 13.87
CA HIS F 115 -4.51 26.64 12.52
C HIS F 115 -4.37 25.16 12.20
N VAL F 116 -3.41 24.52 12.86
CA VAL F 116 -3.15 23.10 12.65
C VAL F 116 -3.00 22.33 13.96
N GLN F 117 -3.69 21.20 14.03
CA GLN F 117 -3.65 20.35 15.22
C GLN F 117 -2.97 19.03 14.85
N VAL F 118 -2.06 18.58 15.70
CA VAL F 118 -1.38 17.32 15.45
C VAL F 118 -1.37 16.49 16.72
N THR F 119 -1.65 15.20 16.57
CA THR F 119 -1.63 14.26 17.69
C THR F 119 -0.37 13.43 17.49
N ALA F 120 0.58 13.58 18.41
CA ALA F 120 1.84 12.85 18.30
C ALA F 120 2.07 11.86 19.44
N ARG F 121 2.65 10.72 19.08
CA ARG F 121 2.94 9.68 20.04
C ARG F 121 4.46 9.55 20.23
N ASP F 122 5.21 9.69 19.14
CA ASP F 122 6.65 9.60 19.23
C ASP F 122 7.31 10.51 18.20
N GLU F 123 8.64 10.60 18.26
CA GLU F 123 9.39 11.46 17.36
C GLU F 123 9.02 11.26 15.89
N ASP F 124 8.56 10.07 15.53
CA ASP F 124 8.19 9.80 14.15
C ASP F 124 7.00 10.64 13.73
N ASP F 125 6.24 11.14 14.70
CA ASP F 125 5.09 11.98 14.41
C ASP F 125 5.48 13.45 14.40
N LEU F 126 6.72 13.73 14.76
CA LEU F 126 7.20 15.10 14.80
C LEU F 126 8.29 15.38 13.76
N ASP F 127 8.16 14.76 12.59
CA ASP F 127 9.10 14.97 11.51
C ASP F 127 8.93 16.41 11.02
N GLU F 128 9.99 17.21 11.13
CA GLU F 128 9.92 18.60 10.71
C GLU F 128 9.37 18.84 9.30
N ASN F 129 9.82 18.05 8.34
CA ASN F 129 9.36 18.21 6.96
C ASN F 129 7.87 17.95 6.76
N GLU F 130 7.38 16.84 7.31
CA GLU F 130 5.98 16.50 7.17
C GLU F 130 5.07 17.47 7.90
N LEU F 131 5.53 18.00 9.03
CA LEU F 131 4.72 18.96 9.78
C LEU F 131 4.65 20.24 8.96
N LEU F 132 5.79 20.68 8.43
CA LEU F 132 5.82 21.88 7.63
C LEU F 132 4.82 21.79 6.48
N MET F 133 4.61 20.58 5.96
CA MET F 133 3.65 20.39 4.88
C MET F 133 2.26 20.71 5.41
N LYS F 134 1.90 20.13 6.54
CA LYS F 134 0.60 20.36 7.14
C LYS F 134 0.45 21.87 7.37
N ILE F 135 1.57 22.53 7.68
CA ILE F 135 1.54 23.96 7.90
C ILE F 135 1.20 24.66 6.59
N SER F 136 1.95 24.35 5.53
CA SER F 136 1.67 24.96 4.23
C SER F 136 0.23 24.60 3.87
N ASN F 137 -0.12 23.34 4.13
CA ASN F 137 -1.45 22.82 3.86
C ASN F 137 -2.51 23.81 4.35
N ALA F 138 -2.38 24.24 5.60
CA ALA F 138 -3.33 25.18 6.18
C ALA F 138 -3.48 26.40 5.29
N ALA G 2 8.33 -29.45 5.39
CA ALA G 2 6.97 -28.99 5.79
C ALA G 2 6.26 -28.31 4.63
N LEU G 3 4.94 -28.36 4.61
CA LEU G 3 4.14 -27.73 3.56
C LEU G 3 4.47 -26.25 3.45
N GLU G 4 4.59 -25.58 4.59
CA GLU G 4 4.91 -24.16 4.59
C GLU G 4 6.03 -23.85 5.58
N PRO G 5 7.29 -24.11 5.17
CA PRO G 5 8.46 -23.86 6.01
C PRO G 5 8.42 -22.41 6.45
N ILE G 6 8.46 -22.17 7.75
CA ILE G 6 8.40 -20.82 8.28
C ILE G 6 9.53 -19.97 7.72
N ASP G 7 9.20 -18.73 7.37
CA ASP G 7 10.19 -17.80 6.85
C ASP G 7 10.38 -16.69 7.86
N TYR G 8 11.50 -16.72 8.58
CA TYR G 8 11.81 -15.70 9.56
C TYR G 8 13.11 -15.00 9.18
N THR G 9 13.54 -15.18 7.94
CA THR G 9 14.76 -14.58 7.45
C THR G 9 14.48 -13.29 6.67
N THR G 10 13.38 -13.27 5.92
CA THR G 10 13.01 -12.09 5.16
C THR G 10 12.97 -10.85 6.05
N HIS G 11 12.34 -10.96 7.22
CA HIS G 11 12.26 -9.83 8.15
C HIS G 11 13.11 -10.09 9.38
N SER G 12 14.23 -10.77 9.18
CA SER G 12 15.15 -11.10 10.26
C SER G 12 15.61 -9.88 11.06
N ARG G 13 15.83 -8.76 10.38
CA ARG G 13 16.29 -7.55 11.05
C ARG G 13 15.33 -7.12 12.17
N GLU G 14 14.06 -6.93 11.82
CA GLU G 14 13.05 -6.51 12.80
C GLU G 14 12.88 -7.57 13.89
N ILE G 15 12.84 -8.83 13.48
CA ILE G 15 12.67 -9.91 14.45
C ILE G 15 13.85 -10.01 15.41
N ASP G 16 15.05 -10.14 14.87
CA ASP G 16 16.25 -10.26 15.69
C ASP G 16 16.38 -9.10 16.68
N ALA G 17 16.10 -7.89 16.23
CA ALA G 17 16.21 -6.73 17.10
C ALA G 17 15.34 -6.89 18.36
N GLU G 18 14.11 -7.34 18.19
CA GLU G 18 13.21 -7.52 19.33
C GLU G 18 13.64 -8.71 20.17
N TYR G 19 14.10 -9.75 19.49
CA TYR G 19 14.55 -10.96 20.15
C TYR G 19 15.70 -10.67 21.13
N LEU G 20 16.73 -9.98 20.66
CA LEU G 20 17.87 -9.66 21.51
C LEU G 20 17.47 -8.83 22.72
N LYS G 21 16.58 -7.87 22.54
CA LYS G 21 16.13 -7.04 23.66
C LYS G 21 15.56 -7.95 24.73
N ILE G 22 14.82 -8.95 24.29
CA ILE G 22 14.18 -9.89 25.21
C ILE G 22 15.15 -10.83 25.91
N VAL G 23 16.02 -11.50 25.16
CA VAL G 23 16.97 -12.44 25.78
C VAL G 23 18.04 -11.76 26.65
N ARG G 24 18.31 -10.49 26.38
CA ARG G 24 19.31 -9.76 27.15
C ARG G 24 18.72 -8.85 28.23
N GLY G 25 17.40 -8.62 28.17
CA GLY G 25 16.76 -7.76 29.14
C GLY G 25 17.33 -6.36 29.12
N SER G 26 17.58 -5.86 27.91
CA SER G 26 18.17 -4.54 27.73
C SER G 26 17.13 -3.43 27.62
N ASP G 27 15.86 -3.78 27.69
CA ASP G 27 14.81 -2.78 27.59
C ASP G 27 13.56 -3.19 28.34
N PRO G 28 13.31 -2.56 29.49
CA PRO G 28 12.14 -2.85 30.33
C PRO G 28 10.78 -2.63 29.64
N ASP G 29 10.78 -1.92 28.52
CA ASP G 29 9.53 -1.68 27.79
C ASP G 29 9.23 -2.82 26.83
N THR G 30 10.23 -3.67 26.63
CA THR G 30 10.08 -4.81 25.73
C THR G 30 10.58 -6.08 26.41
N THR G 31 9.65 -6.85 26.95
CA THR G 31 9.99 -8.07 27.63
C THR G 31 9.35 -9.28 26.92
N TRP G 32 8.51 -9.00 25.94
CA TRP G 32 7.87 -10.06 25.16
C TRP G 32 7.67 -9.65 23.71
N LEU G 33 7.54 -10.66 22.85
CA LEU G 33 7.37 -10.46 21.42
C LEU G 33 6.50 -11.56 20.84
N ILE G 34 5.79 -11.23 19.77
CA ILE G 34 4.94 -12.19 19.09
C ILE G 34 5.17 -11.98 17.61
N ILE G 35 5.56 -13.04 16.91
CA ILE G 35 5.78 -12.91 15.48
C ILE G 35 4.62 -13.61 14.82
N SER G 36 4.14 -13.02 13.74
CA SER G 36 3.00 -13.55 13.03
C SER G 36 3.28 -13.40 11.55
N PRO G 37 2.60 -14.19 10.71
CA PRO G 37 2.80 -14.14 9.26
C PRO G 37 2.04 -12.97 8.63
N ASN G 38 2.66 -12.31 7.66
CA ASN G 38 2.02 -11.20 6.98
C ASN G 38 1.28 -11.77 5.78
N ALA G 39 0.79 -10.91 4.91
CA ALA G 39 0.06 -11.33 3.73
C ALA G 39 0.87 -12.24 2.83
N LYS G 40 2.19 -12.05 2.82
CA LYS G 40 3.07 -12.87 1.97
C LYS G 40 3.57 -14.13 2.66
N LYS G 41 2.97 -14.45 3.81
CA LYS G 41 3.36 -15.64 4.57
C LYS G 41 4.76 -15.51 5.14
N GLU G 42 5.19 -14.28 5.39
CA GLU G 42 6.50 -14.01 5.96
C GLU G 42 6.29 -13.60 7.40
N TYR G 43 7.03 -14.21 8.32
CA TYR G 43 6.87 -13.86 9.71
C TYR G 43 7.58 -12.56 10.06
N GLU G 44 6.99 -11.81 10.99
CA GLU G 44 7.56 -10.54 11.41
C GLU G 44 6.94 -10.17 12.74
N PRO G 45 7.50 -9.17 13.43
CA PRO G 45 6.95 -8.77 14.72
C PRO G 45 5.50 -8.29 14.56
N GLU G 46 4.63 -8.65 15.49
CA GLU G 46 3.27 -8.17 15.42
C GLU G 46 3.01 -7.28 16.61
N SER G 47 3.58 -7.65 17.74
CA SER G 47 3.39 -6.86 18.94
C SER G 47 4.46 -7.14 19.97
N THR G 48 4.69 -6.16 20.83
CA THR G 48 5.68 -6.28 21.89
C THR G 48 5.16 -5.51 23.08
N GLY G 49 5.67 -5.80 24.26
CA GLY G 49 5.23 -5.10 25.45
C GLY G 49 6.09 -5.51 26.62
N SER G 50 5.67 -5.12 27.82
CA SER G 50 6.42 -5.47 29.01
C SER G 50 5.55 -6.23 30.01
N SER G 51 4.24 -6.25 29.78
CA SER G 51 3.34 -6.95 30.66
C SER G 51 3.08 -8.38 30.16
N PHE G 52 3.38 -9.36 31.01
CA PHE G 52 3.19 -10.76 30.69
C PHE G 52 1.70 -11.03 30.51
N HIS G 53 0.89 -10.33 31.31
CA HIS G 53 -0.55 -10.49 31.25
C HIS G 53 -1.09 -10.15 29.86
N ASP G 54 -0.63 -9.03 29.30
CA ASP G 54 -1.06 -8.60 27.97
C ASP G 54 -0.53 -9.52 26.88
N PHE G 55 0.64 -10.11 27.13
CA PHE G 55 1.27 -11.02 26.18
C PHE G 55 0.33 -12.20 25.88
N LEU G 56 -0.09 -12.88 26.94
CA LEU G 56 -0.97 -14.04 26.80
C LEU G 56 -2.32 -13.76 26.15
N GLN G 57 -2.67 -12.49 25.97
CA GLN G 57 -3.96 -12.16 25.37
C GLN G 57 -3.83 -11.56 23.97
N LEU G 58 -2.61 -11.51 23.45
CA LEU G 58 -2.41 -10.93 22.12
C LEU G 58 -2.31 -11.88 20.95
N PHE G 59 -2.61 -13.16 21.16
CA PHE G 59 -2.53 -14.13 20.06
C PHE G 59 -3.80 -14.16 19.22
N ASP G 60 -3.62 -14.37 17.92
CA ASP G 60 -4.72 -14.41 16.96
C ASP G 60 -5.21 -15.85 16.72
N GLU G 61 -6.50 -16.07 16.94
CA GLU G 61 -7.15 -17.38 16.77
C GLU G 61 -7.09 -17.95 15.36
N THR G 62 -6.75 -17.12 14.39
CA THR G 62 -6.73 -17.56 13.00
C THR G 62 -5.33 -17.75 12.41
N LYS G 63 -4.30 -17.53 13.23
CA LYS G 63 -2.95 -17.66 12.73
C LYS G 63 -2.00 -18.45 13.65
N VAL G 64 -1.13 -19.24 13.03
CA VAL G 64 -0.13 -19.96 13.81
C VAL G 64 0.90 -18.86 14.13
N GLN G 65 1.23 -18.71 15.40
CA GLN G 65 2.16 -17.66 15.81
C GLN G 65 3.17 -18.16 16.83
N TYR G 66 4.17 -17.33 17.10
CA TYR G 66 5.18 -17.69 18.08
C TYR G 66 5.46 -16.52 19.02
N GLY G 67 5.41 -16.81 20.31
CA GLY G 67 5.66 -15.80 21.32
C GLY G 67 6.91 -16.08 22.15
N LEU G 68 7.62 -15.00 22.50
CA LEU G 68 8.83 -15.07 23.30
C LEU G 68 8.67 -14.08 24.45
N ALA G 69 8.90 -14.51 25.68
CA ALA G 69 8.72 -13.60 26.81
C ALA G 69 9.69 -13.81 27.97
N ARG G 70 10.22 -12.69 28.45
CA ARG G 70 11.14 -12.68 29.58
C ARG G 70 10.22 -12.38 30.78
N VAL G 71 10.26 -13.23 31.79
CA VAL G 71 9.41 -13.05 32.96
C VAL G 71 10.16 -13.23 34.28
N SER G 72 9.63 -12.61 35.34
CA SER G 72 10.23 -12.70 36.67
C SER G 72 9.38 -13.65 37.52
N PRO G 73 9.50 -14.95 37.29
CA PRO G 73 8.79 -16.02 37.98
C PRO G 73 8.88 -16.01 39.50
N PRO G 74 8.19 -16.95 40.16
CA PRO G 74 8.12 -17.14 41.62
C PRO G 74 9.46 -17.26 42.36
N GLY G 75 9.38 -17.36 43.69
CA GLY G 75 10.56 -17.48 44.51
C GLY G 75 11.38 -16.20 44.52
N SER G 76 12.47 -16.18 43.75
CA SER G 76 13.34 -15.02 43.63
C SER G 76 13.03 -14.27 42.35
N ASP G 77 13.21 -12.95 42.36
CA ASP G 77 12.93 -12.13 41.20
C ASP G 77 13.86 -12.39 40.01
N VAL G 78 14.31 -13.64 39.87
CA VAL G 78 15.17 -14.01 38.76
C VAL G 78 14.29 -13.99 37.51
N GLU G 79 14.90 -13.75 36.35
CA GLU G 79 14.14 -13.69 35.11
C GLU G 79 14.37 -14.87 34.18
N LYS G 80 13.27 -15.48 33.75
CA LYS G 80 13.30 -16.63 32.84
C LYS G 80 12.63 -16.30 31.51
N ILE G 81 12.97 -17.08 30.48
CA ILE G 81 12.43 -16.90 29.15
C ILE G 81 11.45 -18.02 28.80
N ILE G 82 10.27 -17.65 28.31
CA ILE G 82 9.30 -18.65 27.90
C ILE G 82 9.03 -18.45 26.42
N ILE G 83 8.85 -19.54 25.70
CA ILE G 83 8.58 -19.45 24.27
C ILE G 83 7.25 -20.15 24.09
N ILE G 84 6.39 -19.57 23.26
CA ILE G 84 5.06 -20.13 23.05
C ILE G 84 4.79 -20.45 21.58
N GLY G 85 4.35 -21.69 21.35
CA GLY G 85 4.00 -22.12 20.00
C GLY G 85 2.48 -22.12 19.95
N TRP G 86 1.92 -21.11 19.28
CA TRP G 86 0.49 -20.93 19.19
C TRP G 86 -0.07 -21.48 17.88
N CYS G 87 -0.81 -22.58 17.99
CA CYS G 87 -1.39 -23.23 16.82
C CYS G 87 -2.90 -23.39 17.03
N PRO G 88 -3.67 -22.33 16.72
CA PRO G 88 -5.12 -22.36 16.89
C PRO G 88 -5.84 -23.17 15.81
N ASP G 89 -7.01 -23.70 16.15
CA ASP G 89 -7.78 -24.51 15.21
C ASP G 89 -8.15 -23.80 13.92
N SER G 90 -8.43 -22.49 13.99
CA SER G 90 -8.82 -21.73 12.81
C SER G 90 -7.69 -21.37 11.87
N ALA G 91 -6.46 -21.71 12.24
CA ALA G 91 -5.34 -21.41 11.37
C ALA G 91 -5.48 -22.32 10.17
N PRO G 92 -4.93 -21.93 9.01
CA PRO G 92 -5.03 -22.76 7.81
C PRO G 92 -4.47 -24.16 8.02
N LEU G 93 -5.14 -25.15 7.42
CA LEU G 93 -4.76 -26.57 7.51
C LEU G 93 -3.26 -26.83 7.34
N LYS G 94 -2.71 -26.38 6.22
CA LYS G 94 -1.29 -26.59 5.91
C LYS G 94 -0.34 -25.97 6.91
N THR G 95 -0.68 -24.80 7.45
CA THR G 95 0.20 -24.17 8.41
C THR G 95 0.14 -24.97 9.71
N ARG G 96 -1.02 -25.50 10.04
CA ARG G 96 -1.17 -26.30 11.26
C ARG G 96 -0.38 -27.60 11.09
N ALA G 97 -0.41 -28.14 9.87
CA ALA G 97 0.29 -29.38 9.55
C ALA G 97 1.80 -29.18 9.56
N SER G 98 2.21 -27.92 9.50
CA SER G 98 3.62 -27.56 9.51
C SER G 98 4.07 -27.06 10.88
N PHE G 99 3.13 -26.91 11.81
CA PHE G 99 3.42 -26.39 13.14
C PHE G 99 4.56 -27.05 13.92
N ALA G 100 4.51 -28.38 14.08
CA ALA G 100 5.56 -29.08 14.81
C ALA G 100 6.97 -28.78 14.27
N ALA G 101 7.13 -28.87 12.96
CA ALA G 101 8.44 -28.60 12.33
C ALA G 101 8.84 -27.13 12.48
N ASN G 102 7.90 -26.22 12.23
CA ASN G 102 8.20 -24.80 12.33
C ASN G 102 8.47 -24.34 13.75
N PHE G 103 7.76 -24.91 14.72
CA PHE G 103 7.98 -24.55 16.11
C PHE G 103 9.34 -25.10 16.51
N ALA G 104 9.64 -26.32 16.08
CA ALA G 104 10.93 -26.91 16.40
C ALA G 104 12.00 -25.96 15.88
N ALA G 105 11.81 -25.47 14.66
CA ALA G 105 12.75 -24.57 14.02
C ALA G 105 12.94 -23.24 14.75
N VAL G 106 11.84 -22.66 15.23
CA VAL G 106 11.92 -21.39 15.93
C VAL G 106 12.63 -21.57 17.26
N ALA G 107 12.34 -22.69 17.92
CA ALA G 107 12.95 -22.99 19.19
C ALA G 107 14.45 -23.24 19.03
N ASN G 108 14.85 -23.87 17.94
CA ASN G 108 16.26 -24.19 17.71
C ASN G 108 17.11 -23.17 16.97
N ASN G 109 16.51 -22.38 16.10
CA ASN G 109 17.29 -21.43 15.32
C ASN G 109 16.93 -19.96 15.44
N LEU G 110 15.86 -19.64 16.14
CA LEU G 110 15.48 -18.24 16.25
C LEU G 110 15.45 -17.74 17.68
N PHE G 111 14.51 -18.23 18.47
CA PHE G 111 14.35 -17.83 19.86
C PHE G 111 15.18 -18.71 20.80
N LYS G 112 16.47 -18.82 20.53
CA LYS G 112 17.36 -19.62 21.35
C LYS G 112 17.50 -19.04 22.74
N GLY G 113 17.71 -19.90 23.72
CA GLY G 113 17.88 -19.44 25.09
C GLY G 113 16.64 -19.47 25.95
N TYR G 114 15.55 -20.06 25.44
CA TYR G 114 14.33 -20.13 26.22
C TYR G 114 14.52 -21.16 27.34
N HIS G 115 13.81 -20.97 28.45
CA HIS G 115 13.91 -21.86 29.58
C HIS G 115 12.68 -22.76 29.65
N VAL G 116 11.55 -22.26 29.16
CA VAL G 116 10.31 -23.01 29.18
C VAL G 116 9.66 -22.93 27.81
N GLN G 117 9.15 -24.06 27.35
CA GLN G 117 8.48 -24.13 26.06
C GLN G 117 7.03 -24.54 26.29
N VAL G 118 6.11 -23.86 25.62
CA VAL G 118 4.68 -24.16 25.74
C VAL G 118 4.00 -24.27 24.40
N THR G 119 3.24 -25.34 24.20
CA THR G 119 2.49 -25.57 22.96
C THR G 119 1.06 -25.20 23.32
N ALA G 120 0.48 -24.24 22.63
CA ALA G 120 -0.88 -23.78 22.94
C ALA G 120 -1.84 -23.81 21.75
N ARG G 121 -3.07 -24.23 22.02
CA ARG G 121 -4.11 -24.31 21.00
C ARG G 121 -5.14 -23.19 21.16
N ASP G 122 -5.48 -22.87 22.41
CA ASP G 122 -6.44 -21.82 22.73
C ASP G 122 -6.06 -21.13 24.04
N GLU G 123 -6.75 -20.06 24.39
CA GLU G 123 -6.45 -19.30 25.61
C GLU G 123 -6.32 -20.15 26.87
N ASP G 124 -7.00 -21.28 26.91
CA ASP G 124 -6.94 -22.15 28.09
C ASP G 124 -5.54 -22.70 28.27
N ASP G 125 -4.77 -22.73 27.18
CA ASP G 125 -3.40 -23.23 27.24
C ASP G 125 -2.42 -22.17 27.70
N LEU G 126 -2.89 -20.93 27.82
CA LEU G 126 -2.03 -19.86 28.28
C LEU G 126 -2.68 -19.02 29.38
N ASP G 127 -2.92 -19.69 30.51
CA ASP G 127 -3.50 -19.04 31.67
C ASP G 127 -2.34 -18.49 32.49
N GLU G 128 -2.32 -17.17 32.65
CA GLU G 128 -1.26 -16.49 33.39
C GLU G 128 -0.86 -17.24 34.66
N ASN G 129 -1.83 -17.50 35.53
CA ASN G 129 -1.58 -18.20 36.78
C ASN G 129 -0.84 -19.52 36.53
N GLU G 130 -1.35 -20.30 35.58
CA GLU G 130 -0.74 -21.60 35.24
C GLU G 130 0.67 -21.48 34.67
N LEU G 131 0.87 -20.55 33.74
CA LEU G 131 2.19 -20.38 33.14
C LEU G 131 3.20 -19.80 34.12
N LEU G 132 2.80 -18.77 34.88
CA LEU G 132 3.70 -18.17 35.85
C LEU G 132 4.17 -19.26 36.80
N MET G 133 3.33 -20.28 36.98
CA MET G 133 3.67 -21.40 37.84
C MET G 133 4.87 -22.11 37.22
N LYS G 134 4.70 -22.57 35.98
CA LYS G 134 5.74 -23.27 35.24
C LYS G 134 7.00 -22.41 35.15
N ILE G 135 6.82 -21.14 34.82
CA ILE G 135 7.93 -20.20 34.72
C ILE G 135 8.57 -20.00 36.10
N PRO H 5 -10.24 -34.98 17.06
CA PRO H 5 -10.37 -35.38 18.49
C PRO H 5 -9.56 -36.65 18.77
N ILE H 6 -8.54 -36.55 19.62
CA ILE H 6 -7.71 -37.71 19.95
C ILE H 6 -8.43 -38.62 20.94
N ASP H 7 -8.25 -39.93 20.79
CA ASP H 7 -8.89 -40.89 21.69
C ASP H 7 -7.90 -41.58 22.60
N TYR H 8 -7.85 -41.12 23.85
CA TYR H 8 -6.95 -41.72 24.83
C TYR H 8 -7.77 -42.21 26.02
N THR H 9 -9.07 -42.40 25.79
CA THR H 9 -9.98 -42.87 26.83
C THR H 9 -10.35 -44.33 26.65
N THR H 10 -10.57 -44.74 25.41
CA THR H 10 -10.91 -46.14 25.12
C THR H 10 -9.98 -47.06 25.91
N HIS H 11 -8.69 -46.73 25.91
CA HIS H 11 -7.70 -47.54 26.63
C HIS H 11 -7.18 -46.83 27.86
N SER H 12 -8.01 -46.02 28.51
CA SER H 12 -7.60 -45.29 29.70
C SER H 12 -6.99 -46.27 30.70
N ARG H 13 -7.62 -47.43 30.82
CA ARG H 13 -7.19 -48.48 31.74
C ARG H 13 -5.69 -48.76 31.58
N GLU H 14 -5.29 -49.16 30.38
CA GLU H 14 -3.88 -49.46 30.11
C GLU H 14 -3.00 -48.23 30.26
N ILE H 15 -3.40 -47.15 29.61
CA ILE H 15 -2.64 -45.91 29.66
C ILE H 15 -2.48 -45.36 31.06
N ASP H 16 -3.60 -45.12 31.74
CA ASP H 16 -3.57 -44.56 33.09
C ASP H 16 -2.74 -45.36 34.09
N ALA H 17 -2.74 -46.68 33.97
CA ALA H 17 -1.95 -47.50 34.89
C ALA H 17 -0.46 -47.15 34.75
N GLU H 18 0.04 -47.17 33.51
CA GLU H 18 1.44 -46.85 33.27
C GLU H 18 1.69 -45.40 33.65
N TYR H 19 0.74 -44.53 33.32
CA TYR H 19 0.85 -43.11 33.63
C TYR H 19 1.07 -42.90 35.13
N LEU H 20 0.25 -43.56 35.95
CA LEU H 20 0.36 -43.41 37.39
C LEU H 20 1.66 -43.98 37.99
N LYS H 21 2.13 -45.10 37.44
CA LYS H 21 3.38 -45.72 37.91
C LYS H 21 4.51 -44.69 37.78
N ILE H 22 4.51 -44.00 36.66
CA ILE H 22 5.54 -43.02 36.37
C ILE H 22 5.42 -41.74 37.18
N VAL H 23 4.24 -41.12 37.25
CA VAL H 23 4.15 -39.88 38.03
C VAL H 23 4.33 -40.15 39.53
N ARG H 24 4.05 -41.37 39.97
CA ARG H 24 4.22 -41.73 41.38
C ARG H 24 5.59 -42.36 41.67
N GLY H 25 6.28 -42.81 40.64
CA GLY H 25 7.58 -43.45 40.84
C GLY H 25 7.41 -44.72 41.64
N SER H 26 6.34 -45.45 41.37
CA SER H 26 6.03 -46.69 42.09
C SER H 26 6.62 -47.98 41.52
N ASP H 27 7.38 -47.88 40.43
CA ASP H 27 7.98 -49.06 39.81
C ASP H 27 9.27 -48.66 39.05
N PRO H 28 10.43 -49.06 39.57
CA PRO H 28 11.75 -48.77 38.98
C PRO H 28 11.90 -49.25 37.55
N ASP H 29 11.20 -50.31 37.21
CA ASP H 29 11.26 -50.88 35.87
C ASP H 29 10.52 -50.04 34.84
N THR H 30 9.62 -49.18 35.29
CA THR H 30 8.84 -48.33 34.39
C THR H 30 8.90 -46.87 34.78
N THR H 31 9.79 -46.12 34.13
CA THR H 31 9.91 -44.70 34.41
C THR H 31 9.52 -43.86 33.19
N TRP H 32 9.25 -44.52 32.06
CA TRP H 32 8.81 -43.80 30.85
C TRP H 32 7.76 -44.60 30.08
N LEU H 33 7.00 -43.89 29.25
CA LEU H 33 5.92 -44.46 28.45
C LEU H 33 5.68 -43.68 27.17
N ILE H 34 5.31 -44.41 26.12
CA ILE H 34 5.00 -43.79 24.83
C ILE H 34 3.67 -44.38 24.40
N ILE H 35 2.72 -43.53 24.06
CA ILE H 35 1.43 -44.02 23.58
C ILE H 35 1.37 -43.73 22.10
N SER H 36 0.77 -44.66 21.34
CA SER H 36 0.69 -44.54 19.90
C SER H 36 -0.72 -44.94 19.41
N PRO H 37 -1.13 -44.44 18.24
CA PRO H 37 -2.46 -44.78 17.72
C PRO H 37 -2.44 -46.16 17.08
N ASN H 38 -3.45 -46.98 17.39
CA ASN H 38 -3.52 -48.32 16.80
C ASN H 38 -4.23 -48.22 15.46
N ALA H 39 -4.49 -49.37 14.84
CA ALA H 39 -5.16 -49.41 13.54
C ALA H 39 -6.48 -48.64 13.55
N LYS H 40 -7.17 -48.64 14.69
CA LYS H 40 -8.46 -47.95 14.80
C LYS H 40 -8.32 -46.50 15.29
N LYS H 41 -7.11 -45.94 15.17
CA LYS H 41 -6.87 -44.58 15.61
C LYS H 41 -7.18 -44.38 17.09
N GLU H 42 -6.93 -45.40 17.89
CA GLU H 42 -7.14 -45.34 19.32
C GLU H 42 -5.76 -45.39 19.95
N TYR H 43 -5.44 -44.42 20.80
CA TYR H 43 -4.14 -44.42 21.44
C TYR H 43 -4.07 -45.42 22.58
N GLU H 44 -2.92 -46.08 22.69
CA GLU H 44 -2.69 -47.05 23.74
C GLU H 44 -1.18 -47.19 23.89
N PRO H 45 -0.72 -47.77 25.01
CA PRO H 45 0.71 -47.94 25.25
C PRO H 45 1.40 -48.70 24.10
N GLU H 46 2.55 -48.20 23.65
CA GLU H 46 3.28 -48.90 22.61
C GLU H 46 4.55 -49.44 23.24
N SER H 47 5.08 -48.73 24.22
CA SER H 47 6.29 -49.17 24.89
C SER H 47 6.55 -48.43 26.19
N THR H 48 7.29 -49.09 27.07
CA THR H 48 7.67 -48.53 28.37
C THR H 48 9.08 -49.01 28.67
N GLY H 49 9.71 -48.42 29.66
CA GLY H 49 11.07 -48.82 29.99
C GLY H 49 11.56 -48.04 31.19
N SER H 50 12.83 -48.20 31.53
CA SER H 50 13.40 -47.48 32.68
C SER H 50 14.53 -46.54 32.27
N SER H 51 15.09 -46.73 31.09
CA SER H 51 16.17 -45.88 30.63
C SER H 51 15.69 -44.66 29.83
N PHE H 52 16.04 -43.46 30.29
CA PHE H 52 15.65 -42.23 29.63
C PHE H 52 16.32 -42.20 28.25
N HIS H 53 17.55 -42.70 28.19
CA HIS H 53 18.30 -42.78 26.95
C HIS H 53 17.51 -43.57 25.91
N ASP H 54 17.03 -44.76 26.29
CA ASP H 54 16.25 -45.60 25.37
C ASP H 54 14.97 -44.87 24.94
N PHE H 55 14.26 -44.31 25.92
CA PHE H 55 13.02 -43.56 25.72
C PHE H 55 13.13 -42.63 24.49
N LEU H 56 14.16 -41.78 24.50
CA LEU H 56 14.38 -40.83 23.41
C LEU H 56 14.66 -41.45 22.03
N GLN H 57 14.88 -42.76 22.00
CA GLN H 57 15.16 -43.43 20.72
C GLN H 57 14.01 -44.34 20.30
N LEU H 58 12.94 -44.38 21.10
CA LEU H 58 11.82 -45.27 20.78
C LEU H 58 10.60 -44.67 20.08
N PHE H 59 10.71 -43.47 19.53
CA PHE H 59 9.58 -42.86 18.84
C PHE H 59 9.51 -43.30 17.37
N ASP H 60 8.28 -43.50 16.87
CA ASP H 60 8.05 -43.93 15.48
C ASP H 60 7.92 -42.71 14.56
N GLU H 61 8.82 -42.58 13.59
CA GLU H 61 8.77 -41.43 12.70
C GLU H 61 7.66 -41.39 11.66
N THR H 62 6.71 -42.33 11.75
CA THR H 62 5.59 -42.32 10.80
C THR H 62 4.27 -42.06 11.51
N LYS H 63 4.32 -41.91 12.84
CA LYS H 63 3.10 -41.67 13.62
C LYS H 63 3.27 -40.58 14.67
N VAL H 64 2.18 -39.88 14.95
CA VAL H 64 2.16 -38.85 15.99
C VAL H 64 2.04 -39.59 17.31
N GLN H 65 3.01 -39.39 18.21
CA GLN H 65 2.98 -40.09 19.49
C GLN H 65 3.22 -39.17 20.68
N TYR H 66 2.94 -39.69 21.88
CA TYR H 66 3.14 -38.92 23.10
C TYR H 66 3.95 -39.71 24.12
N GLY H 67 4.96 -39.05 24.66
CA GLY H 67 5.82 -39.69 25.62
C GLY H 67 5.73 -39.05 26.99
N LEU H 68 5.94 -39.87 28.00
CA LEU H 68 5.90 -39.45 29.39
C LEU H 68 7.07 -40.10 30.10
N ALA H 69 7.91 -39.30 30.74
CA ALA H 69 9.06 -39.83 31.44
C ALA H 69 9.33 -39.13 32.78
N ARG H 70 9.82 -39.91 33.74
CA ARG H 70 10.18 -39.41 35.07
C ARG H 70 11.71 -39.49 35.05
N VAL H 71 12.39 -38.36 35.21
CA VAL H 71 13.84 -38.35 35.16
C VAL H 71 14.46 -37.42 36.17
N SER H 72 15.60 -37.82 36.70
CA SER H 72 16.34 -37.01 37.66
C SER H 72 17.46 -36.36 36.86
N PRO H 73 17.52 -35.03 36.85
CA PRO H 73 18.56 -34.29 36.12
C PRO H 73 19.95 -34.41 36.75
N PRO H 74 21.01 -34.28 35.95
CA PRO H 74 22.38 -34.38 36.47
C PRO H 74 22.62 -33.43 37.65
N GLY H 75 23.32 -33.93 38.67
CA GLY H 75 23.60 -33.09 39.82
C GLY H 75 22.55 -33.08 40.91
N SER H 76 21.38 -33.68 40.64
CA SER H 76 20.32 -33.72 41.64
C SER H 76 19.61 -35.06 41.66
N ASP H 77 19.00 -35.37 42.80
CA ASP H 77 18.28 -36.64 42.95
C ASP H 77 16.78 -36.43 42.83
N VAL H 78 16.37 -35.19 42.63
CA VAL H 78 14.96 -34.85 42.48
C VAL H 78 14.43 -35.37 41.14
N GLU H 79 13.31 -36.06 41.19
CA GLU H 79 12.71 -36.61 39.98
C GLU H 79 11.74 -35.61 39.35
N LYS H 80 11.84 -35.42 38.03
CA LYS H 80 10.95 -34.51 37.32
C LYS H 80 10.23 -35.25 36.20
N ILE H 81 9.09 -34.72 35.78
CA ILE H 81 8.27 -35.34 34.73
C ILE H 81 8.35 -34.55 33.44
N ILE H 82 8.61 -35.24 32.33
CA ILE H 82 8.69 -34.58 31.03
C ILE H 82 7.75 -35.25 30.07
N ILE H 83 7.03 -34.46 29.29
CA ILE H 83 6.14 -35.02 28.31
C ILE H 83 6.63 -34.60 26.94
N ILE H 84 6.54 -35.52 26.00
CA ILE H 84 6.99 -35.27 24.63
C ILE H 84 5.84 -35.36 23.65
N GLY H 85 5.65 -34.30 22.87
CA GLY H 85 4.63 -34.30 21.82
C GLY H 85 5.41 -34.59 20.54
N TRP H 86 5.31 -35.81 20.04
CA TRP H 86 6.05 -36.27 18.85
C TRP H 86 5.20 -36.22 17.58
N CYS H 87 5.55 -35.29 16.69
CA CYS H 87 4.84 -35.08 15.43
C CYS H 87 5.82 -35.05 14.26
N PRO H 88 6.13 -36.24 13.69
CA PRO H 88 7.05 -36.41 12.57
C PRO H 88 6.46 -36.07 11.19
N ASP H 89 7.34 -35.62 10.29
CA ASP H 89 6.92 -35.24 8.95
C ASP H 89 6.24 -36.37 8.19
N SER H 90 6.68 -37.60 8.40
CA SER H 90 6.10 -38.74 7.71
C SER H 90 4.75 -39.17 8.23
N ALA H 91 4.26 -38.52 9.30
CA ALA H 91 2.95 -38.86 9.83
C ALA H 91 1.95 -38.28 8.84
N PRO H 92 0.72 -38.81 8.77
CA PRO H 92 -0.33 -38.33 7.85
C PRO H 92 -0.63 -36.83 8.00
N LEU H 93 -0.93 -36.17 6.89
CA LEU H 93 -1.21 -34.74 6.91
C LEU H 93 -2.27 -34.32 7.95
N LYS H 94 -3.35 -35.08 8.06
CA LYS H 94 -4.41 -34.76 9.01
C LYS H 94 -4.00 -34.87 10.48
N THR H 95 -3.23 -35.89 10.81
CA THR H 95 -2.82 -36.07 12.20
C THR H 95 -1.86 -34.94 12.58
N ARG H 96 -0.99 -34.55 11.65
CA ARG H 96 -0.07 -33.45 11.94
C ARG H 96 -0.87 -32.17 12.17
N ALA H 97 -1.90 -31.95 11.37
CA ALA H 97 -2.75 -30.76 11.48
C ALA H 97 -3.46 -30.62 12.82
N SER H 98 -3.78 -31.76 13.46
CA SER H 98 -4.49 -31.77 14.74
C SER H 98 -3.56 -32.00 15.92
N PHE H 99 -2.26 -32.12 15.65
CA PHE H 99 -1.27 -32.36 16.70
C PHE H 99 -1.33 -31.36 17.85
N ALA H 100 -1.23 -30.07 17.53
CA ALA H 100 -1.25 -29.05 18.56
C ALA H 100 -2.45 -29.25 19.48
N ALA H 101 -3.63 -29.46 18.89
CA ALA H 101 -4.85 -29.65 19.67
C ALA H 101 -4.77 -30.92 20.51
N ASN H 102 -4.37 -32.02 19.89
CA ASN H 102 -4.29 -33.26 20.64
C ASN H 102 -3.21 -33.21 21.72
N PHE H 103 -2.07 -32.60 21.40
CA PHE H 103 -1.02 -32.50 22.39
C PHE H 103 -1.51 -31.70 23.59
N ALA H 104 -2.20 -30.59 23.32
CA ALA H 104 -2.72 -29.77 24.43
C ALA H 104 -3.68 -30.63 25.25
N ALA H 105 -4.52 -31.39 24.55
CA ALA H 105 -5.48 -32.26 25.23
C ALA H 105 -4.78 -33.29 26.12
N VAL H 106 -3.73 -33.91 25.58
CA VAL H 106 -2.98 -34.91 26.34
C VAL H 106 -2.31 -34.29 27.57
N ALA H 107 -1.71 -33.12 27.38
CA ALA H 107 -1.03 -32.43 28.44
C ALA H 107 -2.03 -31.94 29.51
N ASN H 108 -3.23 -31.56 29.07
CA ASN H 108 -4.22 -31.04 30.02
C ASN H 108 -5.12 -32.05 30.71
N ASN H 109 -5.45 -33.14 30.02
CA ASN H 109 -6.36 -34.14 30.56
C ASN H 109 -5.80 -35.54 30.79
N LEU H 110 -4.68 -35.87 30.16
CA LEU H 110 -4.13 -37.22 30.32
C LEU H 110 -2.88 -37.27 31.18
N PHE H 111 -1.80 -36.70 30.67
CA PHE H 111 -0.53 -36.71 31.38
C PHE H 111 -0.31 -35.51 32.29
N LYS H 112 -1.25 -35.29 33.22
CA LYS H 112 -1.16 -34.16 34.14
C LYS H 112 -0.04 -34.34 35.15
N GLY H 113 0.62 -33.25 35.51
CA GLY H 113 1.68 -33.32 36.50
C GLY H 113 3.07 -33.25 35.92
N TYR H 114 3.16 -32.91 34.65
CA TYR H 114 4.45 -32.81 33.99
C TYR H 114 5.10 -31.48 34.35
N HIS H 115 6.43 -31.46 34.36
CA HIS H 115 7.16 -30.24 34.67
C HIS H 115 7.72 -29.62 33.40
N VAL H 116 8.06 -30.47 32.44
CA VAL H 116 8.61 -30.01 31.18
C VAL H 116 7.83 -30.56 29.99
N GLN H 117 7.59 -29.69 29.02
CA GLN H 117 6.86 -30.07 27.82
C GLN H 117 7.75 -29.85 26.61
N VAL H 118 7.79 -30.81 25.70
CA VAL H 118 8.63 -30.69 24.52
C VAL H 118 7.87 -31.07 23.26
N THR H 119 8.04 -30.24 22.23
CA THR H 119 7.43 -30.48 20.93
C THR H 119 8.61 -30.93 20.06
N ALA H 120 8.53 -32.16 19.57
CA ALA H 120 9.60 -32.74 18.75
C ALA H 120 9.12 -33.21 17.38
N ARG H 121 9.86 -32.83 16.34
CA ARG H 121 9.54 -33.22 14.97
C ARG H 121 10.46 -34.39 14.56
N ASP H 122 11.72 -34.34 15.02
CA ASP H 122 12.66 -35.42 14.73
C ASP H 122 13.64 -35.63 15.90
N GLU H 123 14.55 -36.58 15.74
CA GLU H 123 15.52 -36.89 16.78
C GLU H 123 16.39 -35.70 17.21
N ASP H 124 16.41 -34.63 16.43
CA ASP H 124 17.23 -33.49 16.80
C ASP H 124 16.53 -32.60 17.82
N ASP H 125 15.29 -32.94 18.14
CA ASP H 125 14.53 -32.16 19.13
C ASP H 125 14.55 -32.97 20.42
N LEU H 126 15.15 -34.15 20.34
CA LEU H 126 15.25 -35.05 21.48
C LEU H 126 16.70 -35.26 21.94
N ASP H 127 17.52 -34.22 21.83
CA ASP H 127 18.91 -34.33 22.27
C ASP H 127 18.91 -34.61 23.76
N GLU H 128 19.52 -35.72 24.14
CA GLU H 128 19.56 -36.10 25.54
C GLU H 128 20.20 -35.04 26.43
N ASN H 129 21.35 -34.51 26.02
CA ASN H 129 22.01 -33.50 26.83
C ASN H 129 21.20 -32.22 26.91
N GLU H 130 20.55 -31.87 25.80
CA GLU H 130 19.74 -30.65 25.79
C GLU H 130 18.48 -30.81 26.65
N LEU H 131 17.82 -31.97 26.57
CA LEU H 131 16.62 -32.19 27.36
C LEU H 131 16.94 -32.29 28.86
N LEU H 132 18.06 -32.91 29.19
CA LEU H 132 18.45 -33.03 30.58
C LEU H 132 18.74 -31.62 31.13
N MET H 133 19.20 -30.74 30.25
CA MET H 133 19.49 -29.37 30.65
C MET H 133 18.19 -28.60 30.95
N LYS H 134 17.12 -28.96 30.26
CA LYS H 134 15.82 -28.30 30.47
C LYS H 134 15.20 -28.83 31.76
N ILE H 135 15.39 -30.12 32.01
CA ILE H 135 14.87 -30.75 33.21
C ILE H 135 15.58 -30.14 34.42
N SER H 136 16.63 -29.38 34.16
CA SER H 136 17.39 -28.71 35.20
C SER H 136 17.01 -27.23 35.11
N ALA I 2 -13.43 71.74 14.44
CA ALA I 2 -12.14 71.40 13.76
C ALA I 2 -12.33 70.27 12.75
N LEU I 3 -13.47 69.59 12.84
CA LEU I 3 -13.79 68.48 11.94
C LEU I 3 -13.94 68.96 10.50
N GLU I 4 -13.02 68.55 9.63
CA GLU I 4 -13.03 68.93 8.22
C GLU I 4 -13.77 67.88 7.38
N PRO I 5 -15.12 67.93 7.38
CA PRO I 5 -15.97 66.98 6.65
C PRO I 5 -15.58 66.71 5.20
N ILE I 6 -15.67 65.43 4.83
CA ILE I 6 -15.33 64.98 3.48
C ILE I 6 -16.37 65.38 2.43
N ASP I 7 -15.89 65.70 1.23
CA ASP I 7 -16.79 66.04 0.14
C ASP I 7 -16.79 64.96 -0.93
N TYR I 8 -17.80 64.09 -0.90
CA TYR I 8 -17.91 63.04 -1.89
C TYR I 8 -19.14 63.24 -2.76
N THR I 9 -19.73 64.45 -2.69
CA THR I 9 -20.93 64.78 -3.46
C THR I 9 -20.65 65.67 -4.68
N THR I 10 -19.64 66.51 -4.58
CA THR I 10 -19.26 67.39 -5.69
C THR I 10 -19.04 66.59 -6.96
N HIS I 11 -18.49 65.39 -6.81
CA HIS I 11 -18.23 64.55 -7.97
C HIS I 11 -18.97 63.23 -7.82
N SER I 12 -20.21 63.34 -7.36
CA SER I 12 -21.08 62.21 -7.15
C SER I 12 -21.26 61.37 -8.41
N ARG I 13 -21.39 62.03 -9.55
CA ARG I 13 -21.60 61.34 -10.83
C ARG I 13 -20.48 60.35 -11.17
N GLU I 14 -19.23 60.80 -11.11
CA GLU I 14 -18.11 59.92 -11.42
C GLU I 14 -17.92 58.82 -10.37
N ILE I 15 -18.08 59.17 -9.10
CA ILE I 15 -17.88 58.21 -8.01
C ILE I 15 -18.96 57.14 -7.99
N ASP I 16 -20.23 57.55 -8.03
CA ASP I 16 -21.33 56.61 -8.01
C ASP I 16 -21.30 55.65 -9.18
N ALA I 17 -20.90 56.14 -10.36
CA ALA I 17 -20.84 55.28 -11.53
C ALA I 17 -19.87 54.12 -11.27
N GLU I 18 -18.64 54.44 -10.84
CA GLU I 18 -17.66 53.39 -10.56
C GLU I 18 -18.17 52.52 -9.42
N TYR I 19 -18.73 53.15 -8.39
CA TYR I 19 -19.26 52.42 -7.25
C TYR I 19 -20.33 51.38 -7.64
N LEU I 20 -21.23 51.74 -8.55
CA LEU I 20 -22.26 50.79 -8.95
C LEU I 20 -21.65 49.64 -9.75
N LYS I 21 -20.68 49.95 -10.60
CA LYS I 21 -20.01 48.92 -11.39
C LYS I 21 -19.50 47.82 -10.48
N ILE I 22 -18.83 48.25 -9.41
CA ILE I 22 -18.25 47.34 -8.44
C ILE I 22 -19.25 46.53 -7.61
N VAL I 23 -20.19 47.21 -6.94
CA VAL I 23 -21.18 46.48 -6.14
C VAL I 23 -22.09 45.61 -7.01
N ARG I 24 -22.30 46.02 -8.26
CA ARG I 24 -23.13 45.23 -9.16
C ARG I 24 -22.33 44.18 -9.91
N GLY I 25 -21.00 44.33 -9.91
CA GLY I 25 -20.16 43.38 -10.61
C GLY I 25 -20.59 43.31 -12.06
N SER I 26 -20.85 44.47 -12.65
CA SER I 26 -21.32 44.57 -14.03
C SER I 26 -20.21 44.77 -15.05
N ASP I 27 -18.97 44.88 -14.60
CA ASP I 27 -17.85 45.11 -15.51
C ASP I 27 -16.55 44.51 -15.00
N PRO I 28 -16.15 43.37 -15.58
CA PRO I 28 -14.92 42.65 -15.23
C PRO I 28 -13.65 43.48 -15.23
N ASP I 29 -13.69 44.62 -15.91
CA ASP I 29 -12.54 45.50 -15.97
C ASP I 29 -12.47 46.43 -14.77
N THR I 30 -13.60 46.60 -14.09
CA THR I 30 -13.65 47.47 -12.91
C THR I 30 -14.18 46.73 -11.68
N THR I 31 -13.27 46.22 -10.86
CA THR I 31 -13.64 45.50 -9.65
C THR I 31 -13.16 46.22 -8.39
N TRP I 32 -12.41 47.31 -8.58
CA TRP I 32 -11.98 48.09 -7.43
C TRP I 32 -11.91 49.57 -7.77
N LEU I 33 -11.96 50.39 -6.73
CA LEU I 33 -11.94 51.84 -6.87
C LEU I 33 -11.28 52.50 -5.68
N ILE I 34 -10.54 53.56 -5.96
CA ILE I 34 -9.87 54.34 -4.93
C ILE I 34 -10.27 55.80 -5.18
N ILE I 35 -10.89 56.44 -4.19
CA ILE I 35 -11.26 57.83 -4.36
C ILE I 35 -10.26 58.65 -3.56
N SER I 36 -9.85 59.78 -4.12
CA SER I 36 -8.86 60.63 -3.47
C SER I 36 -9.25 62.10 -3.59
N PRO I 37 -8.75 62.96 -2.68
CA PRO I 37 -9.11 64.38 -2.76
C PRO I 37 -8.31 65.13 -3.84
N ASN I 38 -8.99 66.02 -4.56
CA ASN I 38 -8.32 66.81 -5.59
C ASN I 38 -7.81 68.08 -4.92
N ALA I 39 -7.25 68.98 -5.71
CA ALA I 39 -6.71 70.25 -5.19
C ALA I 39 -7.70 71.01 -4.33
N LYS I 40 -8.98 70.95 -4.68
CA LYS I 40 -10.03 71.64 -3.93
C LYS I 40 -10.60 70.78 -2.79
N LYS I 41 -9.83 69.79 -2.36
CA LYS I 41 -10.27 68.91 -1.28
C LYS I 41 -11.59 68.20 -1.63
N GLU I 42 -11.84 68.01 -2.92
CA GLU I 42 -13.06 67.34 -3.35
C GLU I 42 -12.66 65.92 -3.75
N TYR I 43 -13.31 64.93 -3.17
CA TYR I 43 -12.98 63.56 -3.50
C TYR I 43 -13.53 63.14 -4.86
N GLU I 44 -12.71 62.40 -5.59
CA GLU I 44 -13.11 61.89 -6.89
C GLU I 44 -12.35 60.60 -7.19
N PRO I 45 -12.80 59.83 -8.19
CA PRO I 45 -12.10 58.58 -8.50
C PRO I 45 -10.66 58.86 -8.91
N GLU I 46 -9.68 58.26 -8.23
CA GLU I 46 -8.31 58.47 -8.63
C GLU I 46 -7.91 57.33 -9.57
N SER I 47 -8.32 56.12 -9.23
CA SER I 47 -8.02 54.98 -10.08
C SER I 47 -9.01 53.82 -9.86
N THR I 48 -9.08 52.95 -10.86
CA THR I 48 -9.92 51.76 -10.83
C THR I 48 -9.11 50.64 -11.48
N GLY I 49 -9.53 49.40 -11.27
CA GLY I 49 -8.84 48.27 -11.85
C GLY I 49 -9.60 46.97 -11.68
N SER I 50 -8.95 45.86 -12.03
CA SER I 50 -9.55 44.54 -11.92
C SER I 50 -8.73 43.63 -11.01
N SER I 51 -7.48 44.01 -10.78
CA SER I 51 -6.60 43.22 -9.94
C SER I 51 -6.54 43.67 -8.48
N PHE I 52 -7.01 42.82 -7.59
CA PHE I 52 -7.01 43.12 -6.16
C PHE I 52 -5.58 43.41 -5.72
N HIS I 53 -4.65 42.67 -6.30
CA HIS I 53 -3.23 42.84 -5.98
C HIS I 53 -2.78 44.26 -6.30
N ASP I 54 -3.18 44.80 -7.45
CA ASP I 54 -2.79 46.15 -7.83
C ASP I 54 -3.53 47.18 -6.97
N PHE I 55 -4.78 46.89 -6.65
CA PHE I 55 -5.59 47.77 -5.81
C PHE I 55 -4.76 48.11 -4.57
N LEU I 56 -4.29 47.09 -3.86
CA LEU I 56 -3.53 47.29 -2.64
C LEU I 56 -2.23 48.09 -2.78
N GLN I 57 -1.75 48.27 -4.00
CA GLN I 57 -0.51 49.02 -4.20
C GLN I 57 -0.76 50.36 -4.85
N LEU I 58 -2.03 50.74 -4.96
CA LEU I 58 -2.36 52.01 -5.61
C LEU I 58 -2.64 53.17 -4.68
N PHE I 59 -2.54 52.96 -3.37
CA PHE I 59 -2.79 54.01 -2.40
C PHE I 59 -1.64 55.00 -2.30
N ASP I 60 -1.99 56.28 -2.16
CA ASP I 60 -1.01 57.35 -2.04
C ASP I 60 -0.66 57.60 -0.57
N GLU I 61 0.63 57.47 -0.26
CA GLU I 61 1.17 57.65 1.07
C GLU I 61 1.03 59.07 1.64
N THR I 62 0.56 60.02 0.84
CA THR I 62 0.42 61.40 1.34
C THR I 62 -1.01 61.90 1.42
N LYS I 63 -1.98 61.02 1.18
CA LYS I 63 -3.38 61.44 1.21
C LYS I 63 -4.30 60.41 1.85
N VAL I 64 -5.31 60.91 2.55
CA VAL I 64 -6.29 60.02 3.16
C VAL I 64 -7.14 59.60 1.98
N GLN I 65 -7.28 58.30 1.79
CA GLN I 65 -8.06 57.81 0.67
C GLN I 65 -9.01 56.68 1.08
N TYR I 66 -9.90 56.31 0.16
CA TYR I 66 -10.85 55.25 0.43
C TYR I 66 -10.90 54.33 -0.77
N GLY I 67 -10.85 53.04 -0.49
CA GLY I 67 -10.89 52.05 -1.54
C GLY I 67 -12.07 51.12 -1.36
N LEU I 68 -12.57 50.63 -2.48
CA LEU I 68 -13.69 49.70 -2.50
C LEU I 68 -13.33 48.65 -3.53
N ALA I 69 -13.41 47.38 -3.13
CA ALA I 69 -13.08 46.28 -4.03
C ALA I 69 -14.00 45.08 -3.89
N ARG I 70 -14.39 44.54 -5.03
CA ARG I 70 -15.21 43.35 -5.08
C ARG I 70 -14.13 42.30 -5.26
N VAL I 71 -14.06 41.37 -4.31
CA VAL I 71 -13.02 40.35 -4.36
C VAL I 71 -13.53 38.95 -4.02
N SER I 72 -12.82 37.96 -4.53
CA SER I 72 -13.15 36.55 -4.30
C SER I 72 -12.02 35.88 -3.53
N PRO I 73 -12.32 35.34 -2.34
CA PRO I 73 -11.30 34.68 -1.53
C PRO I 73 -10.56 33.59 -2.35
N PRO I 74 -9.30 33.31 -1.99
CA PRO I 74 -8.44 32.32 -2.64
C PRO I 74 -9.09 30.96 -2.94
N GLY I 75 -10.02 30.54 -2.09
CA GLY I 75 -10.67 29.27 -2.30
C GLY I 75 -12.19 29.32 -2.26
N SER I 76 -12.78 30.17 -3.09
CA SER I 76 -14.23 30.31 -3.13
C SER I 76 -14.72 30.95 -4.42
N ASP I 77 -16.01 30.83 -4.66
CA ASP I 77 -16.62 31.40 -5.85
C ASP I 77 -17.44 32.61 -5.42
N VAL I 78 -17.50 32.82 -4.11
CA VAL I 78 -18.25 33.93 -3.53
C VAL I 78 -17.42 35.20 -3.63
N GLU I 79 -18.10 36.32 -3.86
CA GLU I 79 -17.41 37.61 -3.95
C GLU I 79 -17.94 38.52 -2.87
N LYS I 80 -17.02 39.08 -2.09
CA LYS I 80 -17.40 40.00 -1.03
C LYS I 80 -16.87 41.37 -1.36
N ILE I 81 -17.43 42.38 -0.73
CA ILE I 81 -17.02 43.76 -0.95
C ILE I 81 -16.20 44.22 0.25
N ILE I 82 -15.00 44.71 -0.01
CA ILE I 82 -14.16 45.22 1.07
C ILE I 82 -13.98 46.73 0.89
N ILE I 83 -14.03 47.45 1.99
CA ILE I 83 -13.87 48.90 1.95
C ILE I 83 -12.65 49.20 2.83
N ILE I 84 -11.78 50.05 2.31
CA ILE I 84 -10.56 50.39 3.03
C ILE I 84 -10.45 51.87 3.31
N GLY I 85 -10.22 52.21 4.59
CA GLY I 85 -10.03 53.58 4.98
C GLY I 85 -8.53 53.77 5.08
N TRP I 86 -7.95 54.47 4.11
CA TRP I 86 -6.50 54.69 4.06
C TRP I 86 -6.10 56.05 4.66
N CYS I 87 -5.44 56.00 5.81
CA CYS I 87 -5.02 57.21 6.52
C CYS I 87 -3.52 57.16 6.84
N PRO I 88 -2.67 57.59 5.89
CA PRO I 88 -1.20 57.58 6.10
C PRO I 88 -0.64 58.71 6.96
N ASP I 89 0.46 58.43 7.65
CA ASP I 89 1.11 59.42 8.50
C ASP I 89 1.42 60.74 7.80
N SER I 90 1.87 60.66 6.55
CA SER I 90 2.25 61.84 5.80
C SER I 90 1.11 62.68 5.24
N ALA I 91 -0.13 62.28 5.50
CA ALA I 91 -1.27 63.04 5.05
C ALA I 91 -1.43 64.23 6.02
N PRO I 92 -2.00 65.34 5.55
CA PRO I 92 -2.19 66.53 6.40
C PRO I 92 -2.82 66.21 7.75
N LEU I 93 -2.24 66.78 8.81
CA LEU I 93 -2.71 66.57 10.17
C LEU I 93 -4.24 66.64 10.31
N LYS I 94 -4.85 67.72 9.84
CA LYS I 94 -6.30 67.90 9.92
C LYS I 94 -7.10 66.81 9.23
N THR I 95 -6.68 66.39 8.05
CA THR I 95 -7.41 65.34 7.34
C THR I 95 -7.33 64.04 8.11
N ARG I 96 -6.22 63.81 8.81
CA ARG I 96 -6.05 62.60 9.61
C ARG I 96 -6.90 62.66 10.89
N ALA I 97 -6.99 63.85 11.49
CA ALA I 97 -7.78 64.03 12.70
C ALA I 97 -9.28 63.84 12.41
N SER I 98 -9.66 64.01 11.14
CA SER I 98 -11.05 63.87 10.70
C SER I 98 -11.35 62.54 9.99
N PHE I 99 -10.35 61.69 9.88
CA PHE I 99 -10.48 60.39 9.21
C PHE I 99 -11.59 59.50 9.76
N ALA I 100 -11.61 59.31 11.07
CA ALA I 100 -12.62 58.44 11.69
C ALA I 100 -14.02 58.86 11.28
N ALA I 101 -14.31 60.14 11.36
CA ALA I 101 -15.63 60.65 10.99
C ALA I 101 -15.87 60.45 9.49
N ASN I 102 -14.92 60.89 8.67
CA ASN I 102 -15.10 60.75 7.23
C ASN I 102 -15.16 59.31 6.75
N PHE I 103 -14.48 58.39 7.42
CA PHE I 103 -14.51 56.99 7.04
C PHE I 103 -15.90 56.45 7.39
N ALA I 104 -16.42 56.83 8.56
CA ALA I 104 -17.76 56.40 8.97
C ALA I 104 -18.77 56.92 7.94
N ALA I 105 -18.59 58.17 7.49
CA ALA I 105 -19.50 58.75 6.51
C ALA I 105 -19.46 57.91 5.22
N VAL I 106 -18.25 57.66 4.72
CA VAL I 106 -18.06 56.90 3.48
C VAL I 106 -18.66 55.51 3.54
N ALA I 107 -18.50 54.84 4.67
CA ALA I 107 -19.02 53.50 4.81
C ALA I 107 -20.56 53.49 4.90
N ASN I 108 -21.12 54.50 5.57
CA ASN I 108 -22.56 54.56 5.75
C ASN I 108 -23.39 55.23 4.68
N ASN I 109 -22.82 56.20 3.97
CA ASN I 109 -23.57 56.91 2.94
C ASN I 109 -23.06 56.78 1.51
N LEU I 110 -21.79 56.41 1.32
CA LEU I 110 -21.23 56.28 -0.02
C LEU I 110 -21.07 54.84 -0.47
N PHE I 111 -20.11 54.15 0.13
CA PHE I 111 -19.80 52.77 -0.21
C PHE I 111 -20.61 51.74 0.59
N LYS I 112 -21.93 51.84 0.53
CA LYS I 112 -22.79 50.90 1.25
C LYS I 112 -22.80 49.52 0.57
N GLY I 113 -22.95 48.47 1.36
CA GLY I 113 -22.98 47.14 0.78
C GLY I 113 -21.67 46.39 0.93
N TYR I 114 -20.73 47.01 1.64
CA TYR I 114 -19.45 46.37 1.87
C TYR I 114 -19.66 45.31 2.93
N HIS I 115 -18.82 44.28 2.93
CA HIS I 115 -18.93 43.22 3.90
C HIS I 115 -17.80 43.34 4.91
N VAL I 116 -16.63 43.74 4.41
CA VAL I 116 -15.46 43.89 5.26
C VAL I 116 -14.97 45.33 5.28
N GLN I 117 -14.66 45.82 6.47
CA GLN I 117 -14.16 47.18 6.63
C GLN I 117 -12.76 47.13 7.23
N VAL I 118 -11.80 47.74 6.55
CA VAL I 118 -10.42 47.76 7.02
C VAL I 118 -9.86 49.18 7.16
N THR I 119 -9.21 49.46 8.29
CA THR I 119 -8.57 50.74 8.56
C THR I 119 -7.07 50.52 8.34
N ALA I 120 -6.46 51.29 7.44
CA ALA I 120 -5.04 51.12 7.16
C ALA I 120 -4.23 52.41 7.27
N ARG I 121 -3.00 52.28 7.75
CA ARG I 121 -2.10 53.42 7.90
C ARG I 121 -0.89 53.27 6.97
N ASP I 122 -0.43 52.05 6.79
CA ASP I 122 0.72 51.78 5.91
C ASP I 122 0.50 50.47 5.15
N GLU I 123 1.42 50.15 4.24
CA GLU I 123 1.32 48.94 3.43
C GLU I 123 1.20 47.67 4.26
N ASP I 124 1.82 47.65 5.44
CA ASP I 124 1.76 46.48 6.30
C ASP I 124 0.33 46.14 6.67
N ASP I 125 -0.51 47.16 6.79
CA ASP I 125 -1.92 46.95 7.10
C ASP I 125 -2.60 46.47 5.82
N LEU I 126 -1.95 46.70 4.68
CA LEU I 126 -2.48 46.28 3.39
C LEU I 126 -1.91 44.94 2.89
N ASP I 127 -1.34 44.13 3.77
CA ASP I 127 -0.80 42.85 3.33
C ASP I 127 -1.90 42.07 2.64
N GLU I 128 -1.70 41.78 1.36
CA GLU I 128 -2.69 41.05 0.57
C GLU I 128 -3.19 39.75 1.17
N ASN I 129 -2.27 38.89 1.58
CA ASN I 129 -2.64 37.61 2.16
C ASN I 129 -3.53 37.76 3.40
N GLU I 130 -3.14 38.65 4.32
CA GLU I 130 -3.96 38.82 5.51
C GLU I 130 -5.31 39.43 5.19
N LEU I 131 -5.36 40.39 4.26
CA LEU I 131 -6.65 40.99 3.91
C LEU I 131 -7.58 39.92 3.33
N LEU I 132 -7.03 39.06 2.46
CA LEU I 132 -7.82 38.00 1.86
C LEU I 132 -8.40 37.08 2.94
N MET I 133 -7.69 36.96 4.05
CA MET I 133 -8.17 36.13 5.15
C MET I 133 -9.40 36.77 5.79
N LYS I 134 -9.36 38.08 6.02
CA LYS I 134 -10.51 38.76 6.60
C LYS I 134 -11.67 38.63 5.61
N ILE I 135 -11.32 38.62 4.32
CA ILE I 135 -12.32 38.48 3.27
C ILE I 135 -12.84 37.05 3.25
N SER I 136 -12.00 36.10 3.69
CA SER I 136 -12.42 34.70 3.74
C SER I 136 -13.35 34.47 4.93
N ASN I 137 -13.18 35.24 5.99
CA ASN I 137 -14.02 35.11 7.18
C ASN I 137 -15.50 35.23 6.79
N ALA I 138 -15.90 36.43 6.41
CA ALA I 138 -17.28 36.70 6.00
C ALA I 138 -17.42 36.52 4.50
#